data_7W5I
#
_entry.id   7W5I
#
_cell.length_a   54.638
_cell.length_b   98.336
_cell.length_c   72.379
_cell.angle_alpha   90.000
_cell.angle_beta   94.650
_cell.angle_gamma   90.000
#
_symmetry.space_group_name_H-M   'P 1 21 1'
#
loop_
_entity.id
_entity.type
_entity.pdbx_description
1 polymer 'Terpene cyclase 6'
2 non-polymer 'FARNESYL DIPHOSPHATE'
3 non-polymer 'MALONATE ION'
4 non-polymer GLYCEROL
5 non-polymer 'MAGNESIUM ION'
6 water water
#
_entity_poly.entity_id   1
_entity_poly.type   'polypeptide(L)'
_entity_poly.pdbx_seq_one_letter_code
;GAGAGAGAGAGMGQPTTTSLFMRDVMFHRMTGTSQAVNDVATLSGERREIIRRALNKKILVPNILELMPAWPSEFQPNID
EVNVEIDEWLKTVNVAKEKKLKHRARGNYTLLAGIYYPHCRKEKMLALSQFLYWIFFWDDEIDTGGELTEDREGTILCCA
ETNKCINDCLGPEPNYTPPPGSRGTVEMLYPILRDLRAGLSPVSTMRLKQELHDYVNGVKNQQKVRQEDHLPNPWDHFQM
RVDDVGVIPSITQNEYAMDFTLPDWIRRHEAMEEIVLQCTKLTILLNEILSLQKEFRVSQLENLCLLFMNTYDMSIEQSI
HKVLGLLKDHYKICIEAEARLPWSTTDEKLNNNIREYIRGCQRLATGTACWSYNCERYFKLSQLNDQQELLLDLSRT
;
_entity_poly.pdbx_strand_id   A,B
#
# COMPACT_ATOMS: atom_id res chain seq x y z
N SER A 44 -33.77 16.49 -24.30
CA SER A 44 -33.55 15.08 -24.03
C SER A 44 -33.14 14.34 -25.29
N GLY A 45 -33.39 14.96 -26.44
CA GLY A 45 -32.90 14.42 -27.68
C GLY A 45 -31.39 14.43 -27.55
N GLU A 46 -30.86 15.48 -26.95
CA GLU A 46 -29.42 15.59 -26.78
C GLU A 46 -28.90 14.47 -25.93
N ARG A 47 -29.56 14.24 -24.80
CA ARG A 47 -29.13 13.20 -23.89
C ARG A 47 -29.22 11.83 -24.54
N ARG A 48 -30.30 11.59 -25.28
CA ARG A 48 -30.51 10.31 -25.92
C ARG A 48 -29.41 10.04 -26.95
N GLU A 49 -29.06 11.07 -27.70
CA GLU A 49 -27.97 10.98 -28.67
C GLU A 49 -26.63 10.73 -27.97
N ILE A 50 -26.41 11.39 -26.83
CA ILE A 50 -25.18 11.17 -26.09
C ILE A 50 -25.10 9.73 -25.61
N ILE A 51 -26.20 9.21 -25.08
CA ILE A 51 -26.20 7.84 -24.58
C ILE A 51 -25.94 6.85 -25.71
N ARG A 52 -26.58 7.08 -26.85
CA ARG A 52 -26.40 6.20 -27.99
C ARG A 52 -24.95 6.20 -28.45
N ARG A 53 -24.35 7.38 -28.57
CA ARG A 53 -22.96 7.49 -29.01
C ARG A 53 -21.89 6.93 -28.06
N ALA A 54 -22.07 7.19 -26.77
CA ALA A 54 -21.22 6.66 -25.70
C ALA A 54 -21.31 5.14 -25.45
N LEU A 55 -22.51 4.59 -25.58
CA LEU A 55 -22.83 3.29 -25.00
C LEU A 55 -21.97 2.15 -25.52
N ASN A 56 -21.37 1.42 -24.59
CA ASN A 56 -20.65 0.19 -24.86
C ASN A 56 -19.29 0.47 -25.47
N LYS A 57 -18.96 1.73 -25.61
CA LYS A 57 -17.65 2.11 -26.11
C LYS A 57 -16.58 1.78 -25.08
N LYS A 58 -15.46 1.26 -25.55
CA LYS A 58 -14.33 1.01 -24.68
C LYS A 58 -13.20 1.89 -25.17
N ILE A 59 -12.64 2.67 -24.26
CA ILE A 59 -11.56 3.57 -24.60
C ILE A 59 -10.34 3.30 -23.74
N LEU A 60 -9.20 3.13 -24.38
CA LEU A 60 -7.96 2.98 -23.64
C LEU A 60 -7.41 4.35 -23.30
N VAL A 61 -7.18 4.56 -22.02
CA VAL A 61 -6.69 5.84 -21.53
C VAL A 61 -5.29 5.63 -21.02
N PRO A 62 -4.38 6.50 -21.44
CA PRO A 62 -2.98 6.43 -21.07
C PRO A 62 -2.80 6.82 -19.61
N ASN A 63 -1.65 6.51 -19.03
CA ASN A 63 -1.45 6.87 -17.64
C ASN A 63 -1.40 8.39 -17.55
N ILE A 64 -2.36 8.93 -16.82
CA ILE A 64 -2.52 10.36 -16.65
C ILE A 64 -1.30 10.99 -15.96
N LEU A 65 -0.68 10.25 -15.07
CA LEU A 65 0.48 10.73 -14.30
C LEU A 65 1.64 11.09 -15.23
N GLU A 66 1.74 10.36 -16.34
CA GLU A 66 2.77 10.59 -17.33
C GLU A 66 2.63 12.00 -17.90
N LEU A 67 1.40 12.49 -17.94
CA LEU A 67 1.08 13.82 -18.43
C LEU A 67 1.57 14.93 -17.51
N MET A 68 2.01 14.56 -16.31
CA MET A 68 2.60 15.52 -15.38
C MET A 68 3.92 14.98 -14.84
N PRO A 69 4.88 14.83 -15.74
CA PRO A 69 6.14 14.09 -15.51
C PRO A 69 7.03 14.64 -14.40
N ALA A 70 7.02 15.96 -14.24
CA ALA A 70 7.78 16.64 -13.20
C ALA A 70 7.30 16.33 -11.78
N TRP A 71 6.01 16.00 -11.64
CA TRP A 71 5.40 15.87 -10.34
C TRP A 71 5.26 14.42 -9.97
N PRO A 72 6.06 13.97 -9.00
CA PRO A 72 6.09 12.58 -8.59
C PRO A 72 4.95 12.18 -7.64
N SER A 73 4.60 10.90 -7.64
CA SER A 73 3.57 10.40 -6.74
C SER A 73 4.18 9.58 -5.62
N GLU A 74 3.82 9.93 -4.39
CA GLU A 74 4.39 9.32 -3.19
C GLU A 74 3.32 8.94 -2.20
N PHE A 75 3.69 8.06 -1.26
CA PHE A 75 2.77 7.59 -0.23
C PHE A 75 3.32 7.82 1.17
N GLN A 76 2.49 8.38 2.03
CA GLN A 76 2.83 8.55 3.43
C GLN A 76 3.02 7.15 4.01
N PRO A 77 4.10 6.96 4.77
CA PRO A 77 4.53 5.64 5.24
C PRO A 77 3.55 4.96 6.21
N ASN A 78 2.69 5.74 6.86
CA ASN A 78 1.86 5.26 7.95
C ASN A 78 0.43 4.94 7.59
N ILE A 79 0.13 4.83 6.30
CA ILE A 79 -1.24 4.76 5.87
C ILE A 79 -1.93 3.56 6.51
N ASP A 80 -1.27 2.41 6.55
CA ASP A 80 -1.89 1.25 7.15
C ASP A 80 -2.22 1.43 8.63
N GLU A 81 -1.28 1.97 9.40
CA GLU A 81 -1.52 2.18 10.83
C GLU A 81 -2.67 3.15 11.04
N VAL A 82 -2.65 4.24 10.30
CA VAL A 82 -3.67 5.27 10.40
C VAL A 82 -5.01 4.67 10.05
N ASN A 83 -5.02 3.77 9.08
CA ASN A 83 -6.28 3.19 8.65
C ASN A 83 -6.94 2.45 9.79
N VAL A 84 -6.14 1.82 10.63
CA VAL A 84 -6.66 1.11 11.78
C VAL A 84 -7.35 2.10 12.72
N GLU A 85 -6.72 3.25 12.94
CA GLU A 85 -7.30 4.27 13.78
C GLU A 85 -8.60 4.74 13.15
N ILE A 86 -8.57 4.94 11.84
CA ILE A 86 -9.74 5.40 11.13
C ILE A 86 -10.87 4.38 11.27
N ASP A 87 -10.56 3.11 11.18
CA ASP A 87 -11.60 2.08 11.31
C ASP A 87 -12.25 2.11 12.70
N GLU A 88 -11.46 2.24 13.75
CA GLU A 88 -12.01 2.39 15.08
C GLU A 88 -12.86 3.66 15.18
N TRP A 89 -12.34 4.75 14.62
CA TRP A 89 -13.04 6.03 14.58
C TRP A 89 -14.35 5.99 13.83
N LEU A 90 -14.41 5.23 12.75
CA LEU A 90 -15.60 5.18 11.92
C LEU A 90 -16.85 4.65 12.64
N LYS A 91 -16.62 3.76 13.60
CA LYS A 91 -17.70 3.16 14.36
C LYS A 91 -18.50 4.24 15.08
N THR A 92 -17.79 5.23 15.59
CA THR A 92 -18.37 6.38 16.27
C THR A 92 -19.24 7.27 15.39
N VAL A 93 -18.91 7.35 14.11
CA VAL A 93 -19.59 8.28 13.20
C VAL A 93 -21.03 7.89 12.91
N ASN A 94 -21.92 8.88 12.99
CA ASN A 94 -23.35 8.68 12.80
C ASN A 94 -23.76 8.70 11.32
N VAL A 95 -23.27 7.71 10.61
CA VAL A 95 -23.66 7.40 9.24
C VAL A 95 -23.83 5.89 9.20
N ALA A 96 -24.71 5.40 8.33
CA ALA A 96 -25.07 3.98 8.36
C ALA A 96 -23.85 3.11 8.10
N LYS A 97 -23.77 2.00 8.80
CA LYS A 97 -22.57 1.17 8.79
C LYS A 97 -22.26 0.70 7.38
N GLU A 98 -23.28 0.30 6.62
CA GLU A 98 -23.05 -0.15 5.26
C GLU A 98 -22.50 0.97 4.37
N LYS A 99 -23.03 2.17 4.50
CA LYS A 99 -22.50 3.31 3.75
C LYS A 99 -21.06 3.63 4.10
N LYS A 100 -20.73 3.61 5.39
CA LYS A 100 -19.39 3.88 5.86
C LYS A 100 -18.39 2.83 5.32
N LEU A 101 -18.77 1.57 5.37
CA LEU A 101 -17.95 0.50 4.80
C LEU A 101 -17.78 0.63 3.29
N LYS A 102 -18.85 1.02 2.60
CA LYS A 102 -18.75 1.19 1.16
C LYS A 102 -17.75 2.29 0.82
N HIS A 103 -17.79 3.37 1.59
CA HIS A 103 -16.83 4.43 1.43
C HIS A 103 -15.44 3.96 1.74
N ARG A 104 -15.30 3.24 2.84
CA ARG A 104 -13.99 2.73 3.25
C ARG A 104 -13.38 1.71 2.27
N ALA A 105 -14.14 0.70 1.88
CA ALA A 105 -13.63 -0.28 0.94
C ALA A 105 -13.37 0.26 -0.47
N ARG A 106 -14.38 0.90 -1.06
CA ARG A 106 -14.23 1.57 -2.35
C ARG A 106 -13.36 2.83 -2.41
N GLY A 107 -13.66 3.77 -1.53
CA GLY A 107 -12.91 5.00 -1.38
C GLY A 107 -11.52 5.00 -0.75
N ASN A 108 -11.41 4.41 0.43
CA ASN A 108 -10.12 4.30 1.12
C ASN A 108 -9.43 5.66 1.28
N TYR A 109 -10.14 6.63 1.84
CA TYR A 109 -9.72 8.03 1.83
C TYR A 109 -8.41 8.28 2.59
N THR A 110 -8.07 7.40 3.50
CA THR A 110 -6.83 7.51 4.22
C THR A 110 -5.69 7.43 3.22
N LEU A 111 -5.85 6.56 2.23
CA LEU A 111 -4.89 6.41 1.13
C LEU A 111 -4.80 7.69 0.30
N LEU A 112 -5.93 8.33 0.05
CA LEU A 112 -5.95 9.58 -0.71
C LEU A 112 -5.17 10.65 0.04
N ALA A 113 -5.39 10.73 1.35
CA ALA A 113 -4.67 11.65 2.24
C ALA A 113 -3.17 11.35 2.26
N GLY A 114 -2.84 10.07 2.28
CA GLY A 114 -1.46 9.62 2.27
C GLY A 114 -0.76 10.06 1.01
N ILE A 115 -1.46 9.97 -0.11
CA ILE A 115 -1.00 10.50 -1.38
C ILE A 115 -0.93 12.04 -1.47
N TYR A 116 -1.93 12.73 -0.92
CA TYR A 116 -1.93 14.20 -0.86
C TYR A 116 -0.78 14.72 0.00
N TYR A 117 -0.50 14.02 1.08
CA TYR A 117 0.45 14.47 2.08
C TYR A 117 1.45 13.39 2.48
N PRO A 118 2.21 12.91 1.51
CA PRO A 118 3.13 11.79 1.73
C PRO A 118 4.24 12.06 2.74
N HIS A 119 4.61 13.33 2.93
CA HIS A 119 5.72 13.69 3.81
C HIS A 119 5.37 14.24 5.16
N CYS A 120 4.09 14.22 5.51
CA CYS A 120 3.65 14.69 6.81
C CYS A 120 4.02 13.71 7.93
N ARG A 121 4.17 14.26 9.12
CA ARG A 121 4.38 13.44 10.31
C ARG A 121 3.12 12.62 10.54
N LYS A 122 3.28 11.46 11.16
CA LYS A 122 2.21 10.49 11.30
C LYS A 122 1.02 11.09 12.06
N GLU A 123 1.33 11.92 13.04
CA GLU A 123 0.36 12.55 13.92
C GLU A 123 -0.64 13.44 13.17
N LYS A 124 -0.21 13.99 12.05
CA LYS A 124 -1.03 14.76 11.13
C LYS A 124 -2.10 13.94 10.40
N MET A 125 -1.78 12.68 10.13
CA MET A 125 -2.54 11.86 9.21
C MET A 125 -3.99 11.64 9.63
N LEU A 126 -4.23 11.52 10.92
CA LEU A 126 -5.57 11.22 11.38
C LEU A 126 -6.60 12.29 11.04
N ALA A 127 -6.30 13.54 11.35
CA ALA A 127 -7.24 14.62 11.09
C ALA A 127 -7.51 14.77 9.59
N LEU A 128 -6.46 14.70 8.79
CA LEU A 128 -6.60 14.83 7.34
C LEU A 128 -7.44 13.69 6.76
N SER A 129 -7.19 12.48 7.22
CA SER A 129 -7.95 11.34 6.77
C SER A 129 -9.40 11.50 7.17
N GLN A 130 -9.63 11.98 8.39
CA GLN A 130 -10.97 12.17 8.90
C GLN A 130 -11.75 13.20 8.08
N PHE A 131 -11.09 14.28 7.70
CA PHE A 131 -11.76 15.34 6.96
C PHE A 131 -12.28 14.80 5.63
N LEU A 132 -11.46 13.98 4.96
CA LEU A 132 -11.81 13.41 3.67
C LEU A 132 -13.03 12.50 3.80
N TYR A 133 -13.08 11.74 4.88
CA TYR A 133 -14.23 10.92 5.15
C TYR A 133 -15.45 11.80 5.36
N TRP A 134 -15.28 12.93 6.04
CA TRP A 134 -16.38 13.83 6.23
C TRP A 134 -16.88 14.39 4.95
N ILE A 135 -15.98 14.88 4.12
CA ILE A 135 -16.40 15.52 2.89
C ILE A 135 -17.11 14.54 1.96
N PHE A 136 -16.59 13.34 1.84
CA PHE A 136 -17.28 12.31 1.05
C PHE A 136 -18.63 11.88 1.63
N PHE A 137 -18.71 11.70 2.94
CA PHE A 137 -19.99 11.35 3.56
C PHE A 137 -20.99 12.48 3.36
N TRP A 138 -20.53 13.70 3.59
CA TRP A 138 -21.37 14.86 3.52
C TRP A 138 -21.91 15.08 2.14
N ASP A 139 -21.05 14.94 1.14
CA ASP A 139 -21.47 15.06 -0.24
C ASP A 139 -22.48 13.96 -0.56
N ASP A 140 -22.21 12.75 -0.10
CA ASP A 140 -23.07 11.61 -0.36
C ASP A 140 -24.48 11.79 0.23
N GLU A 141 -24.56 12.20 1.50
CA GLU A 141 -25.85 12.37 2.15
C GLU A 141 -26.70 13.51 1.55
N ILE A 142 -26.04 14.60 1.17
CA ILE A 142 -26.73 15.75 0.61
C ILE A 142 -27.24 15.50 -0.80
N ASP A 143 -26.59 14.58 -1.51
CA ASP A 143 -27.01 14.22 -2.85
C ASP A 143 -27.06 15.45 -3.76
N ASP A 151 -35.76 17.52 1.19
CA ASP A 151 -35.06 17.31 -0.08
C ASP A 151 -34.32 18.58 -0.46
N ARG A 152 -34.96 19.47 -1.21
CA ARG A 152 -34.40 20.78 -1.47
C ARG A 152 -34.31 21.53 -0.15
N GLU A 153 -35.36 21.41 0.65
CA GLU A 153 -35.40 21.98 1.97
C GLU A 153 -34.32 21.34 2.81
N GLY A 154 -34.14 20.03 2.64
CA GLY A 154 -33.14 19.30 3.38
C GLY A 154 -31.75 19.83 3.07
N THR A 155 -31.52 20.14 1.80
CA THR A 155 -30.25 20.72 1.38
C THR A 155 -30.00 22.10 1.99
N ILE A 156 -31.01 22.95 1.97
CA ILE A 156 -30.86 24.27 2.55
C ILE A 156 -30.58 24.14 4.04
N LEU A 157 -31.30 23.25 4.72
CA LEU A 157 -31.07 23.05 6.14
C LEU A 157 -29.67 22.50 6.48
N CYS A 158 -29.24 21.46 5.77
CA CYS A 158 -27.93 20.89 6.05
C CYS A 158 -26.82 21.89 5.78
N CYS A 159 -26.91 22.61 4.67
CA CYS A 159 -25.89 23.58 4.33
C CYS A 159 -25.82 24.68 5.40
N ALA A 160 -26.96 25.14 5.89
CA ALA A 160 -26.98 26.14 6.94
C ALA A 160 -26.34 25.59 8.22
N GLU A 161 -26.69 24.36 8.57
CA GLU A 161 -26.11 23.70 9.73
C GLU A 161 -24.60 23.50 9.55
N THR A 162 -24.20 23.12 8.34
CA THR A 162 -22.78 22.96 8.04
C THR A 162 -22.00 24.26 8.12
N ASN A 163 -22.56 25.32 7.55
CA ASN A 163 -21.94 26.63 7.61
C ASN A 163 -21.83 27.10 9.04
N LYS A 164 -22.85 26.79 9.84
CA LYS A 164 -22.82 27.15 11.25
C LYS A 164 -21.68 26.43 11.96
N CYS A 165 -21.52 25.14 11.68
CA CYS A 165 -20.44 24.39 12.28
C CYS A 165 -19.10 24.99 11.87
N ILE A 166 -18.95 25.33 10.60
CA ILE A 166 -17.70 25.91 10.12
C ILE A 166 -17.44 27.21 10.86
N ASN A 167 -18.49 28.01 11.04
CA ASN A 167 -18.36 29.21 11.82
C ASN A 167 -18.03 28.97 13.30
N ASP A 168 -18.72 28.01 13.91
CA ASP A 168 -18.51 27.75 15.32
C ASP A 168 -17.07 27.32 15.59
N CYS A 169 -16.60 26.36 14.79
CA CYS A 169 -15.23 25.85 14.86
C CYS A 169 -14.06 26.74 14.42
N LEU A 170 -14.20 27.39 13.28
CA LEU A 170 -13.10 28.18 12.71
C LEU A 170 -13.23 29.69 12.92
N GLY A 171 -14.33 30.10 13.55
CA GLY A 171 -14.65 31.49 13.78
C GLY A 171 -13.88 32.10 14.92
N PRO A 172 -14.06 33.40 15.12
CA PRO A 172 -13.41 34.14 16.20
C PRO A 172 -13.81 33.68 17.61
N GLU A 173 -15.08 33.32 17.79
CA GLU A 173 -15.50 32.77 19.07
C GLU A 173 -15.73 31.29 18.87
N PRO A 174 -14.75 30.47 19.23
CA PRO A 174 -14.83 29.04 18.91
C PRO A 174 -15.75 28.27 19.84
N ASN A 175 -16.69 27.56 19.24
CA ASN A 175 -17.44 26.55 19.98
C ASN A 175 -17.37 25.21 19.26
N TYR A 176 -16.73 24.23 19.89
CA TYR A 176 -16.54 22.92 19.27
C TYR A 176 -17.62 21.90 19.62
N THR A 177 -18.59 22.29 20.43
CA THR A 177 -19.67 21.41 20.79
C THR A 177 -20.76 21.47 19.74
N PRO A 178 -21.10 20.33 19.16
CA PRO A 178 -22.20 20.29 18.20
C PRO A 178 -23.53 20.56 18.91
N PRO A 179 -24.43 21.25 18.23
CA PRO A 179 -25.74 21.49 18.80
C PRO A 179 -26.41 20.14 18.98
N PRO A 180 -27.26 19.99 19.97
CA PRO A 180 -27.92 18.71 20.20
C PRO A 180 -28.78 18.39 19.00
N GLY A 181 -28.81 17.12 18.60
CA GLY A 181 -29.57 16.71 17.43
C GLY A 181 -28.96 17.05 16.09
N SER A 182 -27.67 17.34 16.07
CA SER A 182 -26.99 17.59 14.80
C SER A 182 -27.02 16.31 13.97
N ARG A 183 -27.17 16.45 12.67
CA ARG A 183 -27.13 15.30 11.78
C ARG A 183 -25.71 14.78 11.71
N GLY A 184 -25.57 13.51 11.34
CA GLY A 184 -24.32 12.83 11.50
C GLY A 184 -23.17 13.46 10.74
N THR A 185 -23.43 13.85 9.49
CA THR A 185 -22.44 14.53 8.67
C THR A 185 -22.00 15.88 9.23
N VAL A 186 -22.92 16.61 9.87
CA VAL A 186 -22.60 17.80 10.67
C VAL A 186 -21.88 17.59 12.03
N GLU A 187 -22.37 16.63 12.80
CA GLU A 187 -21.85 16.39 14.14
C GLU A 187 -20.38 15.98 14.10
N MET A 188 -20.02 15.12 13.16
CA MET A 188 -18.66 14.61 12.99
C MET A 188 -17.67 15.72 12.64
N LEU A 189 -18.14 16.75 11.97
CA LEU A 189 -17.31 17.85 11.48
C LEU A 189 -16.63 18.69 12.57
N TYR A 190 -17.31 18.89 13.69
CA TYR A 190 -16.82 19.79 14.71
C TYR A 190 -15.46 19.35 15.26
N PRO A 191 -15.34 18.09 15.65
CA PRO A 191 -14.06 17.60 16.17
C PRO A 191 -12.96 17.69 15.12
N ILE A 192 -13.29 17.43 13.87
CA ILE A 192 -12.29 17.50 12.81
C ILE A 192 -11.75 18.91 12.58
N LEU A 193 -12.65 19.89 12.51
CA LEU A 193 -12.26 21.29 12.36
C LEU A 193 -11.48 21.80 13.57
N ARG A 194 -11.87 21.35 14.76
CA ARG A 194 -11.13 21.73 15.96
C ARG A 194 -9.71 21.18 15.90
N ASP A 195 -9.58 19.91 15.51
CA ASP A 195 -8.26 19.31 15.38
C ASP A 195 -7.42 19.99 14.30
N LEU A 196 -8.00 20.27 13.15
CA LEU A 196 -7.27 20.95 12.09
C LEU A 196 -6.84 22.35 12.52
N ARG A 197 -7.73 23.06 13.19
CA ARG A 197 -7.45 24.43 13.62
C ARG A 197 -6.26 24.41 14.57
N ALA A 198 -6.18 23.35 15.36
CA ALA A 198 -5.11 23.19 16.35
C ALA A 198 -3.74 23.14 15.67
N GLY A 199 -3.71 22.62 14.44
CA GLY A 199 -2.49 22.52 13.67
C GLY A 199 -2.27 23.65 12.69
N LEU A 200 -3.15 24.65 12.73
CA LEU A 200 -3.10 25.74 11.78
C LEU A 200 -2.96 27.11 12.46
N SER A 201 -2.25 28.02 11.81
CA SER A 201 -2.17 29.39 12.26
C SER A 201 -3.50 30.06 11.96
N PRO A 202 -3.75 31.20 12.59
CA PRO A 202 -5.01 31.92 12.38
C PRO A 202 -5.13 32.29 10.91
N VAL A 203 -4.00 32.64 10.30
CA VAL A 203 -3.98 32.99 8.89
C VAL A 203 -4.43 31.82 8.02
N SER A 204 -3.87 30.65 8.27
CA SER A 204 -4.31 29.44 7.59
C SER A 204 -5.76 29.08 7.94
N THR A 205 -6.12 29.31 9.19
CA THR A 205 -7.47 29.03 9.66
C THR A 205 -8.52 29.88 8.94
N MET A 206 -8.21 31.16 8.72
CA MET A 206 -9.12 32.08 8.04
C MET A 206 -9.37 31.59 6.62
N ARG A 207 -8.31 31.17 5.95
CA ARG A 207 -8.42 30.64 4.60
C ARG A 207 -9.27 29.39 4.58
N LEU A 208 -9.05 28.49 5.52
CA LEU A 208 -9.81 27.25 5.57
C LEU A 208 -11.28 27.55 5.77
N LYS A 209 -11.59 28.50 6.64
CA LYS A 209 -12.97 28.81 6.92
C LYS A 209 -13.70 29.32 5.67
N GLN A 210 -13.11 30.29 4.98
CA GLN A 210 -13.71 30.82 3.78
C GLN A 210 -13.85 29.75 2.72
N GLU A 211 -12.82 28.92 2.58
CA GLU A 211 -12.84 27.86 1.59
C GLU A 211 -13.94 26.82 1.85
N LEU A 212 -14.12 26.43 3.12
CA LEU A 212 -15.19 25.52 3.49
C LEU A 212 -16.58 26.14 3.23
N HIS A 213 -16.73 27.43 3.54
CA HIS A 213 -17.97 28.13 3.30
C HIS A 213 -18.28 28.14 1.83
N ASP A 214 -17.25 28.42 1.03
CA ASP A 214 -17.40 28.49 -0.40
C ASP A 214 -17.84 27.15 -0.98
N TYR A 215 -17.22 26.07 -0.52
CA TYR A 215 -17.64 24.75 -0.97
C TYR A 215 -19.08 24.42 -0.57
N VAL A 216 -19.45 24.67 0.69
CA VAL A 216 -20.80 24.36 1.13
C VAL A 216 -21.86 25.17 0.38
N ASN A 217 -21.58 26.46 0.21
CA ASN A 217 -22.45 27.36 -0.53
C ASN A 217 -22.57 27.00 -2.02
N GLY A 218 -21.49 26.54 -2.61
CA GLY A 218 -21.51 26.10 -3.99
C GLY A 218 -22.45 24.92 -4.15
N VAL A 219 -22.39 24.00 -3.18
CA VAL A 219 -23.28 22.85 -3.18
C VAL A 219 -24.75 23.25 -3.00
N LYS A 220 -25.01 24.21 -2.12
CA LYS A 220 -26.36 24.67 -1.87
C LYS A 220 -26.93 25.29 -3.11
N ASN A 221 -26.08 25.97 -3.86
CA ASN A 221 -26.48 26.73 -5.04
C ASN A 221 -26.34 25.99 -6.36
N GLN A 222 -26.27 24.66 -6.33
CA GLN A 222 -26.25 23.88 -7.56
C GLN A 222 -27.67 23.62 -8.05
N HIS A 230 -31.58 21.95 -21.93
CA HIS A 230 -30.69 20.93 -22.45
C HIS A 230 -29.31 21.00 -21.84
N LEU A 231 -28.39 20.21 -22.39
CA LEU A 231 -27.07 20.09 -21.82
C LEU A 231 -26.26 21.39 -21.84
N PRO A 232 -25.51 21.61 -20.78
CA PRO A 232 -24.67 22.80 -20.62
C PRO A 232 -23.47 22.78 -21.56
N ASN A 233 -22.99 23.96 -21.92
CA ASN A 233 -21.79 24.07 -22.72
C ASN A 233 -20.64 23.46 -21.91
N PRO A 234 -19.75 22.75 -22.57
CA PRO A 234 -18.67 22.06 -21.86
C PRO A 234 -17.78 23.06 -21.12
N TRP A 235 -17.49 24.19 -21.77
CA TRP A 235 -16.72 25.25 -21.14
C TRP A 235 -17.42 25.86 -19.97
N ASP A 236 -18.74 26.02 -20.07
CA ASP A 236 -19.53 26.51 -18.95
C ASP A 236 -19.52 25.54 -17.79
N HIS A 237 -19.57 24.24 -18.10
CA HIS A 237 -19.50 23.22 -17.07
C HIS A 237 -18.17 23.28 -16.37
N PHE A 238 -17.10 23.45 -17.13
CA PHE A 238 -15.76 23.46 -16.56
C PHE A 238 -15.59 24.61 -15.58
N GLN A 239 -16.06 25.80 -15.97
CA GLN A 239 -15.93 26.97 -15.11
C GLN A 239 -16.70 26.81 -13.81
N MET A 240 -17.89 26.23 -13.87
CA MET A 240 -18.68 26.02 -12.67
C MET A 240 -17.92 25.13 -11.71
N ARG A 241 -17.32 24.08 -12.24
CA ARG A 241 -16.53 23.16 -11.44
C ARG A 241 -15.35 23.89 -10.82
N VAL A 242 -14.72 24.77 -11.59
CA VAL A 242 -13.58 25.51 -11.08
C VAL A 242 -13.98 26.37 -9.89
N ASP A 243 -15.08 27.10 -10.02
CA ASP A 243 -15.62 27.80 -8.87
C ASP A 243 -16.12 26.85 -7.77
N ASP A 244 -16.90 25.85 -8.17
CA ASP A 244 -17.53 24.89 -7.26
C ASP A 244 -16.66 23.92 -6.48
N VAL A 245 -15.60 23.43 -7.11
CA VAL A 245 -14.90 22.26 -6.60
C VAL A 245 -14.28 22.45 -5.22
N GLY A 246 -14.26 21.35 -4.48
CA GLY A 246 -13.91 21.34 -3.06
C GLY A 246 -12.46 21.03 -2.80
N VAL A 247 -11.63 21.18 -3.83
CA VAL A 247 -10.18 20.95 -3.75
C VAL A 247 -9.39 21.89 -2.84
N ILE A 248 -9.82 23.15 -2.77
CA ILE A 248 -9.03 24.20 -2.13
C ILE A 248 -8.75 23.91 -0.66
N PRO A 249 -9.76 23.39 0.04
CA PRO A 249 -9.60 23.09 1.46
C PRO A 249 -8.49 22.07 1.64
N SER A 250 -8.37 21.14 0.71
CA SER A 250 -7.26 20.19 0.70
C SER A 250 -5.89 20.84 0.49
N ILE A 251 -5.82 21.85 -0.36
CA ILE A 251 -4.55 22.56 -0.54
C ILE A 251 -4.12 23.25 0.76
N THR A 252 -5.06 23.94 1.39
CA THR A 252 -4.82 24.64 2.64
C THR A 252 -4.41 23.63 3.71
N GLN A 253 -4.98 22.44 3.63
CA GLN A 253 -4.72 21.39 4.61
C GLN A 253 -3.27 20.91 4.58
N ASN A 254 -2.56 21.21 3.50
CA ASN A 254 -1.14 20.92 3.43
C ASN A 254 -0.42 21.69 4.51
N GLU A 255 -0.92 22.88 4.80
CA GLU A 255 -0.35 23.71 5.84
C GLU A 255 -0.48 23.00 7.17
N TYR A 256 -1.60 22.35 7.41
CA TYR A 256 -1.72 21.48 8.58
C TYR A 256 -0.79 20.27 8.50
N ALA A 257 -0.76 19.62 7.34
CA ALA A 257 -0.02 18.39 7.19
C ALA A 257 1.47 18.64 7.43
N MET A 258 1.99 19.70 6.86
CA MET A 258 3.39 20.06 6.98
C MET A 258 3.68 21.17 8.01
N ASP A 259 2.68 21.55 8.79
CA ASP A 259 2.89 22.48 9.90
C ASP A 259 3.60 23.78 9.50
N PHE A 260 3.08 24.46 8.49
CA PHE A 260 3.65 25.74 8.06
C PHE A 260 2.56 26.70 7.61
N THR A 261 2.89 27.98 7.54
CA THR A 261 1.98 28.97 7.01
C THR A 261 2.59 29.76 5.86
N LEU A 262 1.98 29.69 4.70
CA LEU A 262 2.33 30.55 3.59
C LEU A 262 1.74 31.94 3.84
N PRO A 263 2.55 32.98 3.67
CA PRO A 263 2.06 34.34 3.88
C PRO A 263 0.98 34.70 2.86
N ASP A 264 0.01 35.51 3.29
CA ASP A 264 -1.09 35.90 2.43
C ASP A 264 -0.58 36.63 1.21
N TRP A 265 0.46 37.45 1.38
CA TRP A 265 0.98 38.22 0.27
C TRP A 265 1.50 37.33 -0.83
N ILE A 266 2.14 36.22 -0.47
CA ILE A 266 2.47 35.17 -1.42
C ILE A 266 1.26 34.39 -1.97
N ARG A 267 0.31 34.08 -1.10
CA ARG A 267 -0.91 33.39 -1.51
C ARG A 267 -1.71 34.23 -2.52
N ARG A 268 -1.65 35.55 -2.38
CA ARG A 268 -2.39 36.46 -3.26
C ARG A 268 -1.63 36.88 -4.50
N HIS A 269 -0.38 36.44 -4.61
CA HIS A 269 0.45 36.77 -5.75
C HIS A 269 -0.13 36.17 -7.00
N GLU A 270 0.04 36.85 -8.11
CA GLU A 270 -0.58 36.40 -9.34
C GLU A 270 -0.06 35.01 -9.72
N ALA A 271 1.23 34.78 -9.55
CA ALA A 271 1.80 33.48 -9.86
C ALA A 271 1.28 32.34 -8.97
N MET A 272 1.18 32.59 -7.67
CA MET A 272 0.59 31.60 -6.76
C MET A 272 -0.89 31.35 -7.04
N GLU A 273 -1.64 32.42 -7.28
CA GLU A 273 -3.06 32.29 -7.54
C GLU A 273 -3.20 31.44 -8.80
N GLU A 274 -2.33 31.67 -9.78
CA GLU A 274 -2.33 30.88 -10.98
C GLU A 274 -2.02 29.40 -10.77
N ILE A 275 -1.02 29.10 -9.96
CA ILE A 275 -0.68 27.69 -9.70
C ILE A 275 -1.84 26.97 -9.02
N VAL A 276 -2.47 27.63 -8.07
CA VAL A 276 -3.63 27.06 -7.41
C VAL A 276 -4.73 26.83 -8.45
N LEU A 277 -4.95 27.80 -9.31
CA LEU A 277 -5.98 27.65 -10.35
C LEU A 277 -5.69 26.55 -11.36
N GLN A 278 -4.46 26.46 -11.85
CA GLN A 278 -4.10 25.43 -12.82
C GLN A 278 -4.24 24.04 -12.20
N CYS A 279 -3.79 23.90 -10.97
CA CYS A 279 -3.90 22.63 -10.26
C CYS A 279 -5.34 22.23 -10.02
N THR A 280 -6.19 23.22 -9.73
CA THR A 280 -7.61 22.98 -9.61
C THR A 280 -8.16 22.51 -10.95
N LYS A 281 -7.78 23.18 -12.03
CA LYS A 281 -8.22 22.80 -13.37
C LYS A 281 -7.71 21.42 -13.77
N LEU A 282 -6.47 21.11 -13.43
CA LEU A 282 -5.89 19.82 -13.74
C LEU A 282 -6.65 18.70 -13.01
N THR A 283 -6.95 18.94 -11.74
CA THR A 283 -7.67 17.94 -10.97
C THR A 283 -9.05 17.67 -11.56
N ILE A 284 -9.74 18.73 -11.95
CA ILE A 284 -11.06 18.59 -12.55
C ILE A 284 -11.02 17.84 -13.87
N LEU A 285 -10.07 18.20 -14.72
CA LEU A 285 -9.95 17.57 -16.03
C LEU A 285 -9.66 16.06 -15.95
N LEU A 286 -8.71 15.67 -15.12
CA LEU A 286 -8.42 14.25 -14.91
C LEU A 286 -9.61 13.53 -14.28
N ASN A 287 -10.31 14.20 -13.38
CA ASN A 287 -11.50 13.64 -12.77
C ASN A 287 -12.58 13.37 -13.82
N GLU A 288 -12.68 14.25 -14.80
CA GLU A 288 -13.70 14.11 -15.82
C GLU A 288 -13.51 12.82 -16.60
N ILE A 289 -12.29 12.54 -17.04
CA ILE A 289 -12.03 11.29 -17.74
C ILE A 289 -12.21 10.06 -16.85
N LEU A 290 -11.58 10.11 -15.68
CA LEU A 290 -11.56 8.97 -14.77
C LEU A 290 -12.94 8.58 -14.26
N SER A 291 -13.79 9.57 -14.02
CA SER A 291 -15.10 9.36 -13.45
C SER A 291 -16.15 9.12 -14.52
N LEU A 292 -15.73 9.14 -15.78
CA LEU A 292 -16.66 9.07 -16.88
C LEU A 292 -17.48 7.79 -16.88
N GLN A 293 -16.81 6.65 -16.65
CA GLN A 293 -17.51 5.37 -16.62
C GLN A 293 -18.52 5.36 -15.48
N LYS A 294 -18.10 5.80 -14.30
CA LYS A 294 -18.99 5.81 -13.15
C LYS A 294 -20.18 6.73 -13.38
N GLU A 295 -19.92 7.94 -13.87
CA GLU A 295 -20.98 8.90 -14.15
C GLU A 295 -21.95 8.48 -15.27
N PHE A 296 -21.41 7.94 -16.36
CA PHE A 296 -22.24 7.51 -17.48
C PHE A 296 -23.20 6.39 -17.09
N ARG A 297 -22.73 5.49 -16.23
CA ARG A 297 -23.47 4.32 -15.79
C ARG A 297 -24.73 4.69 -15.02
N VAL A 298 -24.70 5.82 -14.31
CA VAL A 298 -25.88 6.31 -13.60
C VAL A 298 -26.56 7.40 -14.41
N SER A 299 -26.19 7.48 -15.68
CA SER A 299 -26.74 8.48 -16.59
C SER A 299 -26.59 9.88 -16.02
N GLN A 300 -25.38 10.20 -15.61
CA GLN A 300 -25.02 11.55 -15.22
C GLN A 300 -24.24 12.14 -16.38
N LEU A 301 -24.96 12.70 -17.36
CA LEU A 301 -24.40 13.09 -18.65
C LEU A 301 -23.64 14.42 -18.67
N GLU A 302 -23.70 15.16 -17.57
CA GLU A 302 -22.96 16.40 -17.45
C GLU A 302 -21.51 16.11 -16.99
N ASN A 303 -20.81 15.37 -17.83
CA ASN A 303 -19.39 15.06 -17.68
C ASN A 303 -18.72 15.68 -18.90
N LEU A 304 -17.57 16.31 -18.69
CA LEU A 304 -16.98 17.19 -19.69
C LEU A 304 -16.69 16.46 -21.00
N CYS A 305 -16.30 15.20 -20.91
CA CYS A 305 -16.06 14.44 -22.12
C CYS A 305 -17.34 14.32 -22.92
N LEU A 306 -18.44 14.02 -22.23
CA LEU A 306 -19.74 13.91 -22.86
C LEU A 306 -20.21 15.24 -23.45
N LEU A 307 -19.97 16.33 -22.73
CA LEU A 307 -20.36 17.66 -23.18
C LEU A 307 -19.64 18.06 -24.47
N PHE A 308 -18.36 17.72 -24.57
CA PHE A 308 -17.60 17.94 -25.79
C PHE A 308 -18.15 17.13 -26.96
N MET A 309 -18.60 15.90 -26.69
CA MET A 309 -19.20 15.08 -27.73
C MET A 309 -20.45 15.77 -28.25
N ASN A 310 -21.32 16.16 -27.34
CA ASN A 310 -22.56 16.81 -27.69
C ASN A 310 -22.36 18.16 -28.38
N THR A 311 -21.52 19.00 -27.79
CA THR A 311 -21.28 20.33 -28.33
C THR A 311 -20.57 20.38 -29.68
N TYR A 312 -19.49 19.61 -29.83
CA TYR A 312 -18.75 19.62 -31.07
C TYR A 312 -19.02 18.46 -32.03
N ASP A 313 -19.98 17.61 -31.67
CA ASP A 313 -20.29 16.41 -32.45
C ASP A 313 -19.05 15.56 -32.67
N MET A 314 -18.31 15.33 -31.60
CA MET A 314 -17.08 14.55 -31.68
C MET A 314 -17.27 13.21 -30.98
N SER A 315 -16.46 12.24 -31.36
CA SER A 315 -16.52 10.92 -30.76
C SER A 315 -16.02 10.97 -29.32
N ILE A 316 -16.42 9.98 -28.54
CA ILE A 316 -16.03 9.91 -27.16
C ILE A 316 -14.51 9.82 -27.08
N GLU A 317 -13.93 9.12 -28.05
CA GLU A 317 -12.49 9.02 -28.15
C GLU A 317 -11.86 10.39 -28.40
N GLN A 318 -12.45 11.16 -29.30
CA GLN A 318 -11.95 12.50 -29.58
C GLN A 318 -12.07 13.42 -28.37
N SER A 319 -13.20 13.36 -27.68
CA SER A 319 -13.41 14.22 -26.51
C SER A 319 -12.41 13.93 -25.39
N ILE A 320 -12.16 12.66 -25.12
CA ILE A 320 -11.18 12.30 -24.11
C ILE A 320 -9.80 12.79 -24.51
N HIS A 321 -9.49 12.70 -25.80
CA HIS A 321 -8.23 13.18 -26.33
C HIS A 321 -8.12 14.66 -26.10
N LYS A 322 -9.20 15.38 -26.31
CA LYS A 322 -9.22 16.82 -26.09
C LYS A 322 -8.95 17.16 -24.63
N VAL A 323 -9.58 16.42 -23.73
CA VAL A 323 -9.37 16.63 -22.30
C VAL A 323 -7.90 16.36 -21.98
N LEU A 324 -7.34 15.32 -22.57
CA LEU A 324 -5.95 14.98 -22.30
C LEU A 324 -5.03 16.11 -22.75
N GLY A 325 -5.33 16.69 -23.90
CA GLY A 325 -4.58 17.82 -24.40
C GLY A 325 -4.71 19.01 -23.47
N LEU A 326 -5.90 19.23 -22.97
CA LEU A 326 -6.16 20.33 -22.06
C LEU A 326 -5.30 20.16 -20.81
N LEU A 327 -5.14 18.93 -20.35
CA LEU A 327 -4.34 18.65 -19.18
C LEU A 327 -2.90 19.06 -19.41
N LYS A 328 -2.37 18.67 -20.57
CA LYS A 328 -1.01 19.01 -20.92
C LYS A 328 -0.87 20.53 -20.99
N ASP A 329 -1.88 21.20 -21.55
CA ASP A 329 -1.84 22.64 -21.67
C ASP A 329 -1.78 23.31 -20.30
N HIS A 330 -2.67 22.89 -19.42
CA HIS A 330 -2.70 23.41 -18.07
C HIS A 330 -1.50 23.07 -17.22
N TYR A 331 -0.94 21.88 -17.43
CA TYR A 331 0.27 21.49 -16.75
C TYR A 331 1.40 22.43 -17.15
N LYS A 332 1.49 22.73 -18.43
CA LYS A 332 2.52 23.61 -18.96
C LYS A 332 2.40 25.04 -18.40
N ILE A 333 1.19 25.56 -18.34
CA ILE A 333 0.99 26.88 -17.77
C ILE A 333 1.41 26.89 -16.31
N CYS A 334 1.01 25.86 -15.58
CA CYS A 334 1.28 25.81 -14.16
C CYS A 334 2.78 25.79 -13.88
N ILE A 335 3.50 24.98 -14.65
CA ILE A 335 4.94 24.89 -14.53
C ILE A 335 5.62 26.24 -14.84
N GLU A 336 5.13 26.92 -15.86
CA GLU A 336 5.64 28.24 -16.26
C GLU A 336 5.44 29.32 -15.17
N ALA A 337 4.36 29.19 -14.43
CA ALA A 337 4.01 30.11 -13.36
C ALA A 337 5.06 30.12 -12.24
N GLU A 338 5.75 29.01 -12.06
CA GLU A 338 6.67 28.84 -10.94
C GLU A 338 7.81 29.86 -10.97
N ALA A 339 8.30 30.15 -12.16
CA ALA A 339 9.37 31.11 -12.35
C ALA A 339 8.94 32.49 -11.88
N ARG A 340 7.67 32.79 -12.07
CA ARG A 340 7.06 34.07 -11.71
C ARG A 340 6.83 34.29 -10.22
N LEU A 341 6.92 33.24 -9.42
CA LEU A 341 6.63 33.37 -8.00
C LEU A 341 7.65 34.28 -7.34
N PRO A 342 7.28 34.90 -6.24
CA PRO A 342 8.18 35.82 -5.55
C PRO A 342 9.12 35.05 -4.64
N TRP A 343 10.06 34.32 -5.23
CA TRP A 343 11.04 33.58 -4.47
C TRP A 343 11.97 34.50 -3.75
N SER A 344 12.31 34.15 -2.51
CA SER A 344 13.28 34.91 -1.75
C SER A 344 14.71 34.67 -2.24
N THR A 345 15.46 35.75 -2.35
CA THR A 345 16.90 35.69 -2.60
C THR A 345 17.69 35.06 -1.46
N THR A 346 17.21 35.28 -0.23
CA THR A 346 17.92 34.90 0.97
C THR A 346 17.25 33.91 1.93
N ASP A 347 15.93 33.84 1.93
CA ASP A 347 15.21 33.12 2.97
C ASP A 347 14.93 31.67 2.64
N GLU A 348 15.73 30.77 3.21
CA GLU A 348 15.56 29.34 3.00
C GLU A 348 14.21 28.84 3.52
N LYS A 349 13.83 29.26 4.73
CA LYS A 349 12.57 28.82 5.30
C LYS A 349 11.40 29.33 4.44
N LEU A 350 11.47 30.59 4.03
CA LEU A 350 10.41 31.15 3.21
C LEU A 350 10.29 30.40 1.89
N ASN A 351 11.42 30.17 1.23
CA ASN A 351 11.41 29.44 -0.04
C ASN A 351 10.94 28.01 0.15
N ASN A 352 11.29 27.42 1.28
CA ASN A 352 10.80 26.08 1.64
C ASN A 352 9.28 26.06 1.81
N ASN A 353 8.74 27.11 2.41
CA ASN A 353 7.31 27.24 2.53
C ASN A 353 6.62 27.38 1.17
N ILE A 354 7.21 28.20 0.30
CA ILE A 354 6.66 28.37 -1.03
C ILE A 354 6.72 27.04 -1.80
N ARG A 355 7.84 26.33 -1.71
CA ARG A 355 7.98 25.06 -2.38
C ARG A 355 6.96 24.06 -1.87
N GLU A 356 6.81 23.97 -0.56
CA GLU A 356 5.88 23.02 0.01
C GLU A 356 4.47 23.32 -0.45
N TYR A 357 4.10 24.60 -0.45
CA TYR A 357 2.76 25.00 -0.81
C TYR A 357 2.39 24.64 -2.25
N ILE A 358 3.29 24.90 -3.19
CA ILE A 358 3.10 24.49 -4.58
C ILE A 358 3.08 22.95 -4.75
N ARG A 359 3.91 22.25 -4.00
CA ARG A 359 3.90 20.80 -4.05
C ARG A 359 2.55 20.27 -3.58
N GLY A 360 1.95 20.94 -2.61
CA GLY A 360 0.63 20.59 -2.16
C GLY A 360 -0.41 20.74 -3.26
N CYS A 361 -0.35 21.83 -4.00
CA CYS A 361 -1.27 22.04 -5.12
C CYS A 361 -1.07 20.96 -6.20
N GLN A 362 0.18 20.66 -6.52
CA GLN A 362 0.48 19.68 -7.56
C GLN A 362 -0.04 18.30 -7.19
N ARG A 363 0.14 17.95 -5.93
CA ARG A 363 -0.28 16.68 -5.37
C ARG A 363 -1.80 16.53 -5.45
N LEU A 364 -2.51 17.64 -5.40
CA LEU A 364 -3.94 17.57 -5.54
C LEU A 364 -4.26 16.99 -6.92
N ALA A 365 -3.59 17.46 -7.96
CA ALA A 365 -3.77 16.86 -9.28
C ALA A 365 -3.21 15.44 -9.48
N THR A 366 -1.93 15.23 -9.18
CA THR A 366 -1.33 13.89 -9.32
C THR A 366 -1.91 12.85 -8.36
N GLY A 367 -2.13 13.26 -7.12
CA GLY A 367 -2.67 12.41 -6.08
C GLY A 367 -4.10 11.95 -6.35
N THR A 368 -4.90 12.85 -6.87
CA THR A 368 -6.25 12.50 -7.22
C THR A 368 -6.22 11.42 -8.29
N ALA A 369 -5.38 11.60 -9.30
CA ALA A 369 -5.20 10.58 -10.32
C ALA A 369 -4.58 9.29 -9.78
N CYS A 370 -3.52 9.40 -8.98
CA CYS A 370 -2.86 8.23 -8.42
C CYS A 370 -3.83 7.45 -7.51
N TRP A 371 -4.59 8.15 -6.68
CA TRP A 371 -5.58 7.51 -5.81
C TRP A 371 -6.66 6.81 -6.61
N SER A 372 -7.06 7.43 -7.71
CA SER A 372 -8.08 6.87 -8.60
C SER A 372 -7.61 5.53 -9.17
N TYR A 373 -6.32 5.47 -9.49
CA TYR A 373 -5.67 4.27 -10.00
C TYR A 373 -5.44 3.23 -8.90
N ASN A 374 -5.75 3.60 -7.66
CA ASN A 374 -5.48 2.74 -6.52
C ASN A 374 -6.65 2.43 -5.59
N CYS A 375 -7.86 2.62 -6.09
CA CYS A 375 -9.08 2.32 -5.35
C CYS A 375 -10.19 2.01 -6.35
N GLU A 376 -11.35 1.60 -5.85
CA GLU A 376 -12.40 1.13 -6.73
C GLU A 376 -13.62 2.05 -6.85
N ARG A 377 -13.40 3.31 -6.52
CA ARG A 377 -14.46 4.30 -6.57
C ARG A 377 -15.00 4.53 -7.99
N TYR A 378 -14.09 4.60 -8.97
CA TYR A 378 -14.46 4.94 -10.33
C TYR A 378 -14.63 3.79 -11.33
N PHE A 379 -13.86 2.72 -11.15
CA PHE A 379 -13.90 1.58 -12.05
C PHE A 379 -13.34 0.35 -11.34
N LYS A 380 -13.55 -0.82 -11.92
CA LYS A 380 -12.87 -2.01 -11.41
C LYS A 380 -11.38 -1.84 -11.71
N LEU A 381 -10.54 -2.22 -10.75
CA LEU A 381 -9.10 -2.15 -10.92
C LEU A 381 -8.57 -3.09 -12.00
N SER A 382 -9.32 -4.14 -12.28
CA SER A 382 -8.97 -5.11 -13.31
C SER A 382 -8.93 -4.43 -14.68
N GLN A 383 -9.58 -3.27 -14.76
CA GLN A 383 -9.63 -2.45 -15.97
C GLN A 383 -8.28 -1.77 -16.30
N LEU A 384 -7.35 -1.82 -15.35
CA LEU A 384 -6.06 -1.18 -15.47
C LEU A 384 -4.96 -2.20 -15.73
N ASN A 385 -4.16 -1.97 -16.77
CA ASN A 385 -2.98 -2.79 -17.03
C ASN A 385 -1.80 -2.35 -16.18
N ASP A 386 -0.67 -3.02 -16.33
CA ASP A 386 0.49 -2.76 -15.49
C ASP A 386 1.39 -1.65 -16.04
N GLN A 387 0.89 -0.98 -17.07
CA GLN A 387 1.45 0.27 -17.54
C GLN A 387 0.55 1.42 -17.07
N GLN A 388 -0.38 1.08 -16.19
CA GLN A 388 -1.35 2.05 -15.70
C GLN A 388 -2.24 2.62 -16.79
N GLU A 389 -2.50 1.81 -17.81
CA GLU A 389 -3.41 2.22 -18.87
C GLU A 389 -4.79 1.69 -18.54
N LEU A 390 -5.77 2.56 -18.57
CA LEU A 390 -7.11 2.20 -18.15
C LEU A 390 -8.03 2.02 -19.34
N LEU A 391 -8.71 0.88 -19.39
CA LEU A 391 -9.68 0.67 -20.44
C LEU A 391 -11.07 0.93 -19.91
N LEU A 392 -11.60 2.11 -20.20
CA LEU A 392 -12.96 2.45 -19.80
C LEU A 392 -13.95 1.59 -20.54
N ASP A 393 -14.98 1.16 -19.84
CA ASP A 393 -16.06 0.42 -20.46
C ASP A 393 -17.37 1.11 -20.14
N LEU A 394 -18.01 1.67 -21.14
CA LEU A 394 -19.26 2.37 -20.95
C LEU A 394 -20.49 1.49 -21.17
N SER A 395 -20.35 0.20 -20.91
CA SER A 395 -21.48 -0.71 -20.89
C SER A 395 -22.33 -0.34 -19.69
N ARG A 396 -23.64 -0.21 -19.89
CA ARG A 396 -24.56 0.16 -18.82
C ARG A 396 -25.76 -0.77 -18.77
N LEU B 43 31.80 -8.74 24.54
CA LEU B 43 31.25 -9.33 23.32
C LEU B 43 31.97 -10.62 22.94
N SER B 44 33.28 -10.53 22.70
CA SER B 44 34.06 -11.69 22.29
C SER B 44 34.01 -12.74 23.38
N GLY B 45 34.08 -12.30 24.62
CA GLY B 45 33.95 -13.20 25.74
C GLY B 45 32.60 -13.86 25.71
N GLU B 46 31.55 -13.10 25.43
CA GLU B 46 30.21 -13.66 25.35
C GLU B 46 30.13 -14.67 24.21
N ARG B 47 30.65 -14.29 23.05
CA ARG B 47 30.64 -15.15 21.87
C ARG B 47 31.45 -16.41 22.08
N ARG B 48 32.61 -16.28 22.70
CA ARG B 48 33.49 -17.42 22.93
C ARG B 48 32.82 -18.46 23.81
N GLU B 49 32.17 -17.98 24.87
CA GLU B 49 31.50 -18.86 25.81
C GLU B 49 30.35 -19.62 25.17
N ILE B 50 29.58 -18.95 24.32
CA ILE B 50 28.46 -19.59 23.64
C ILE B 50 29.01 -20.72 22.78
N ILE B 51 30.08 -20.41 22.06
CA ILE B 51 30.69 -21.39 21.18
C ILE B 51 31.19 -22.55 22.02
N ARG B 52 31.79 -22.24 23.16
CA ARG B 52 32.24 -23.29 24.06
C ARG B 52 31.07 -24.11 24.58
N ARG B 53 30.03 -23.44 25.01
CA ARG B 53 28.84 -24.12 25.52
C ARG B 53 28.06 -24.98 24.51
N ALA B 54 27.92 -24.49 23.29
CA ALA B 54 27.16 -25.22 22.28
C ALA B 54 27.96 -26.23 21.46
N LEU B 55 29.28 -26.19 21.55
CA LEU B 55 30.11 -26.96 20.63
C LEU B 55 29.90 -28.46 20.74
N ASN B 56 29.67 -29.08 19.59
CA ASN B 56 29.64 -30.52 19.47
C ASN B 56 28.37 -31.08 20.09
N LYS B 57 27.50 -30.19 20.56
CA LYS B 57 26.24 -30.60 21.14
C LYS B 57 25.32 -31.22 20.09
N LYS B 58 24.68 -32.32 20.45
CA LYS B 58 23.70 -32.95 19.57
C LYS B 58 22.33 -32.80 20.21
N ILE B 59 21.41 -32.15 19.51
CA ILE B 59 20.07 -32.00 20.04
C ILE B 59 19.01 -32.59 19.13
N LEU B 60 18.22 -33.50 19.69
CA LEU B 60 17.11 -34.08 18.97
C LEU B 60 15.91 -33.15 19.00
N VAL B 61 15.37 -32.87 17.82
CA VAL B 61 14.22 -31.99 17.68
C VAL B 61 13.01 -32.75 17.16
N PRO B 62 11.88 -32.58 17.82
CA PRO B 62 10.62 -33.24 17.42
C PRO B 62 10.11 -32.64 16.14
N ASN B 63 9.25 -33.36 15.43
CA ASN B 63 8.82 -32.90 14.15
C ASN B 63 7.91 -31.69 14.36
N ILE B 64 8.37 -30.56 13.86
CA ILE B 64 7.77 -29.26 14.09
C ILE B 64 6.34 -29.15 13.55
N LEU B 65 6.05 -29.90 12.51
CA LEU B 65 4.74 -29.89 11.87
C LEU B 65 3.65 -30.33 12.83
N GLU B 66 4.01 -31.20 13.77
CA GLU B 66 3.09 -31.74 14.77
C GLU B 66 2.54 -30.65 15.68
N LEU B 67 3.35 -29.61 15.88
CA LEU B 67 3.00 -28.50 16.74
C LEU B 67 1.93 -27.64 16.09
N MET B 68 1.65 -27.90 14.81
CA MET B 68 0.60 -27.20 14.10
C MET B 68 -0.29 -28.17 13.34
N PRO B 69 -0.99 -29.03 14.10
CA PRO B 69 -1.77 -30.15 13.55
C PRO B 69 -2.91 -29.76 12.61
N ALA B 70 -3.55 -28.62 12.87
CA ALA B 70 -4.66 -28.15 12.05
C ALA B 70 -4.28 -27.83 10.60
N TRP B 71 -3.01 -27.50 10.39
CA TRP B 71 -2.55 -27.03 9.11
C TRP B 71 -1.75 -28.07 8.37
N PRO B 72 -2.33 -28.64 7.33
CA PRO B 72 -1.66 -29.65 6.50
C PRO B 72 -0.66 -29.06 5.51
N SER B 73 0.30 -29.88 5.11
CA SER B 73 1.30 -29.49 4.12
C SER B 73 1.00 -30.17 2.80
N GLU B 74 1.03 -29.41 1.72
CA GLU B 74 0.74 -29.90 0.37
C GLU B 74 1.78 -29.46 -0.66
N PHE B 75 1.86 -30.21 -1.76
CA PHE B 75 2.77 -29.91 -2.85
C PHE B 75 2.01 -29.63 -4.13
N GLN B 76 2.33 -28.50 -4.75
CA GLN B 76 1.77 -28.12 -6.02
C GLN B 76 2.16 -29.21 -6.99
N PRO B 77 1.22 -29.62 -7.84
CA PRO B 77 1.39 -30.79 -8.71
C PRO B 77 2.44 -30.66 -9.80
N ASN B 78 2.83 -29.45 -10.16
CA ASN B 78 3.71 -29.21 -11.30
C ASN B 78 5.16 -28.83 -11.01
N ILE B 79 5.64 -29.19 -9.83
CA ILE B 79 6.92 -28.70 -9.37
C ILE B 79 8.05 -29.12 -10.32
N ASP B 80 8.06 -30.38 -10.74
CA ASP B 80 9.13 -30.85 -11.61
C ASP B 80 9.17 -30.13 -12.94
N GLU B 81 7.99 -29.94 -13.54
CA GLU B 81 7.88 -29.27 -14.81
C GLU B 81 8.37 -27.84 -14.70
N VAL B 82 7.94 -27.16 -13.65
CA VAL B 82 8.35 -25.79 -13.41
C VAL B 82 9.85 -25.75 -13.20
N ASN B 83 10.39 -26.76 -12.54
CA ASN B 83 11.81 -26.81 -12.26
C ASN B 83 12.65 -26.82 -13.52
N VAL B 84 12.16 -27.52 -14.54
CA VAL B 84 12.83 -27.54 -15.83
C VAL B 84 12.87 -26.14 -16.39
N GLU B 85 11.74 -25.44 -16.30
CA GLU B 85 11.65 -24.07 -16.75
C GLU B 85 12.60 -23.18 -15.95
N ILE B 86 12.62 -23.39 -14.64
CA ILE B 86 13.46 -22.60 -13.77
C ILE B 86 14.94 -22.81 -14.10
N ASP B 87 15.33 -24.04 -14.39
CA ASP B 87 16.73 -24.34 -14.74
C ASP B 87 17.14 -23.61 -16.02
N GLU B 88 16.26 -23.58 -17.00
CA GLU B 88 16.58 -22.86 -18.23
C GLU B 88 16.75 -21.36 -17.92
N TRP B 89 15.83 -20.82 -17.14
CA TRP B 89 15.86 -19.43 -16.75
C TRP B 89 17.09 -19.07 -15.94
N LEU B 90 17.55 -20.00 -15.11
CA LEU B 90 18.72 -19.75 -14.26
C LEU B 90 20.02 -19.46 -15.03
N LYS B 91 20.14 -20.02 -16.23
CA LYS B 91 21.29 -19.79 -17.06
C LYS B 91 21.43 -18.32 -17.43
N THR B 92 20.29 -17.67 -17.66
CA THR B 92 20.19 -16.25 -17.95
C THR B 92 20.61 -15.31 -16.81
N VAL B 93 20.35 -15.72 -15.57
CA VAL B 93 20.69 -14.92 -14.41
C VAL B 93 22.19 -14.76 -14.28
N ASN B 94 22.64 -13.54 -14.03
CA ASN B 94 23.94 -12.96 -13.82
CA ASN B 94 23.94 -12.93 -13.81
C ASN B 94 24.32 -12.95 -12.25
N VAL B 95 24.31 -14.23 -11.94
CA VAL B 95 24.92 -14.75 -10.73
C VAL B 95 25.81 -15.92 -11.11
N ALA B 96 26.90 -16.11 -10.37
CA ALA B 96 27.87 -17.14 -10.72
C ALA B 96 27.23 -18.51 -10.72
N LYS B 97 27.59 -19.31 -11.71
CA LYS B 97 26.94 -20.58 -12.00
C LYS B 97 27.05 -21.53 -10.81
N GLU B 98 28.21 -21.56 -10.16
CA GLU B 98 28.39 -22.39 -8.99
C GLU B 98 27.45 -21.98 -7.86
N LYS B 99 27.27 -20.67 -7.68
CA LYS B 99 26.32 -20.17 -6.69
C LYS B 99 24.88 -20.55 -7.00
N LYS B 100 24.49 -20.38 -8.27
CA LYS B 100 23.13 -20.71 -8.69
C LYS B 100 22.83 -22.21 -8.51
N LEU B 101 23.79 -23.05 -8.89
CA LEU B 101 23.65 -24.49 -8.73
C LEU B 101 23.55 -24.90 -7.27
N LYS B 102 24.37 -24.28 -6.42
CA LYS B 102 24.34 -24.60 -4.99
C LYS B 102 22.97 -24.24 -4.41
N HIS B 103 22.45 -23.10 -4.82
CA HIS B 103 21.15 -22.68 -4.37
C HIS B 103 20.09 -23.63 -4.86
N ARG B 104 20.17 -23.98 -6.14
CA ARG B 104 19.21 -24.90 -6.71
C ARG B 104 19.26 -26.30 -6.09
N ALA B 105 20.44 -26.88 -5.98
CA ALA B 105 20.54 -28.21 -5.40
C ALA B 105 20.18 -28.26 -3.91
N ARG B 106 20.82 -27.42 -3.11
CA ARG B 106 20.53 -27.31 -1.68
C ARG B 106 19.19 -26.69 -1.29
N GLY B 107 18.86 -25.57 -1.93
CA GLY B 107 17.64 -24.84 -1.67
C GLY B 107 16.40 -25.28 -2.42
N ASN B 108 16.52 -25.48 -3.73
CA ASN B 108 15.42 -26.01 -4.52
C ASN B 108 14.14 -25.21 -4.32
N TYR B 109 14.22 -23.90 -4.54
CA TYR B 109 13.19 -22.96 -4.14
C TYR B 109 11.85 -23.19 -4.81
N THR B 110 11.87 -23.84 -5.97
CA THR B 110 10.66 -24.16 -6.68
C THR B 110 9.80 -25.04 -5.79
N LEU B 111 10.46 -25.93 -5.05
CA LEU B 111 9.79 -26.79 -4.08
C LEU B 111 9.14 -25.98 -2.95
N LEU B 112 9.84 -24.97 -2.44
CA LEU B 112 9.27 -24.13 -1.39
C LEU B 112 8.02 -23.40 -1.89
N ALA B 113 8.10 -22.88 -3.11
CA ALA B 113 6.98 -22.20 -3.72
C ALA B 113 5.82 -23.18 -3.90
N GLY B 114 6.15 -24.42 -4.25
CA GLY B 114 5.16 -25.46 -4.42
C GLY B 114 4.43 -25.75 -3.12
N ILE B 115 5.17 -25.78 -2.02
CA ILE B 115 4.58 -25.92 -0.69
C ILE B 115 3.78 -24.69 -0.18
N TYR B 116 4.31 -23.50 -0.43
CA TYR B 116 3.64 -22.25 -0.09
C TYR B 116 2.33 -22.13 -0.85
N TYR B 117 2.34 -22.56 -2.10
CA TYR B 117 1.17 -22.42 -2.96
C TYR B 117 0.84 -23.72 -3.70
N PRO B 118 0.45 -24.74 -2.96
CA PRO B 118 0.16 -26.06 -3.52
C PRO B 118 -1.03 -26.06 -4.49
N HIS B 119 -1.96 -25.14 -4.33
CA HIS B 119 -3.17 -25.09 -5.14
C HIS B 119 -3.21 -24.10 -6.27
N CYS B 120 -2.11 -23.41 -6.53
CA CYS B 120 -2.09 -22.45 -7.63
C CYS B 120 -2.07 -23.18 -8.96
N ARG B 121 -2.52 -22.50 -10.00
CA ARG B 121 -2.44 -23.03 -11.35
C ARG B 121 -0.97 -23.00 -11.77
N LYS B 122 -0.59 -23.90 -12.67
CA LYS B 122 0.80 -24.04 -13.09
C LYS B 122 1.45 -22.72 -13.51
N GLU B 123 0.74 -21.94 -14.30
CA GLU B 123 1.28 -20.73 -14.92
C GLU B 123 1.72 -19.68 -13.89
N LYS B 124 1.14 -19.75 -12.71
CA LYS B 124 1.55 -18.94 -11.57
C LYS B 124 2.94 -19.31 -11.02
N MET B 125 3.30 -20.58 -11.16
CA MET B 125 4.45 -21.14 -10.47
C MET B 125 5.78 -20.50 -10.85
N LEU B 126 5.95 -20.13 -12.12
CA LEU B 126 7.23 -19.64 -12.55
C LEU B 126 7.66 -18.35 -11.84
N ALA B 127 6.77 -17.36 -11.79
CA ALA B 127 7.11 -16.08 -11.17
C ALA B 127 7.41 -16.23 -9.68
N LEU B 128 6.62 -17.03 -8.98
CA LEU B 128 6.81 -17.25 -7.56
C LEU B 128 8.13 -17.97 -7.26
N SER B 129 8.46 -18.97 -8.06
CA SER B 129 9.72 -19.65 -7.90
C SER B 129 10.86 -18.67 -8.15
N GLN B 130 10.74 -17.87 -9.20
CA GLN B 130 11.76 -16.91 -9.58
C GLN B 130 11.99 -15.89 -8.48
N PHE B 131 10.90 -15.45 -7.84
CA PHE B 131 11.03 -14.50 -6.74
C PHE B 131 11.84 -15.08 -5.60
N LEU B 132 11.57 -16.33 -5.25
CA LEU B 132 12.26 -16.98 -4.15
C LEU B 132 13.73 -17.09 -4.44
N TYR B 133 14.07 -17.42 -5.68
CA TYR B 133 15.47 -17.46 -6.09
C TYR B 133 16.09 -16.08 -5.95
N TRP B 134 15.34 -15.04 -6.33
CA TRP B 134 15.88 -13.71 -6.22
C TRP B 134 16.19 -13.35 -4.80
N ILE B 135 15.24 -13.53 -3.90
CA ILE B 135 15.44 -13.08 -2.53
C ILE B 135 16.62 -13.82 -1.88
N PHE B 136 16.71 -15.12 -2.12
CA PHE B 136 17.82 -15.91 -1.59
C PHE B 136 19.17 -15.50 -2.18
N PHE B 137 19.21 -15.30 -3.50
CA PHE B 137 20.42 -14.85 -4.16
C PHE B 137 20.82 -13.48 -3.64
N TRP B 138 19.84 -12.58 -3.54
CA TRP B 138 20.07 -11.24 -3.08
C TRP B 138 20.57 -11.24 -1.67
N ASP B 139 19.93 -12.05 -0.83
CA ASP B 139 20.34 -12.14 0.55
C ASP B 139 21.77 -12.65 0.66
N ASP B 140 22.10 -13.62 -0.19
CA ASP B 140 23.42 -14.20 -0.22
C ASP B 140 24.49 -13.18 -0.59
N GLU B 141 24.33 -12.49 -1.73
CA GLU B 141 25.33 -11.52 -2.16
C GLU B 141 25.54 -10.39 -1.14
N ILE B 142 24.48 -9.67 -0.81
CA ILE B 142 24.58 -8.54 0.09
C ILE B 142 25.08 -8.92 1.49
N ASP B 151 31.14 -4.96 4.56
CA ASP B 151 31.25 -3.92 3.55
C ASP B 151 30.02 -3.03 3.57
N ARG B 152 30.05 -1.99 4.41
CA ARG B 152 28.90 -1.16 4.60
C ARG B 152 28.43 -0.42 3.35
N GLU B 153 29.37 0.19 2.64
CA GLU B 153 29.02 1.00 1.48
C GLU B 153 28.37 0.16 0.38
N GLY B 154 28.90 -1.03 0.16
CA GLY B 154 28.34 -1.93 -0.83
C GLY B 154 26.91 -2.29 -0.48
N THR B 155 26.65 -2.51 0.80
CA THR B 155 25.30 -2.82 1.24
C THR B 155 24.38 -1.64 1.00
N ILE B 156 24.86 -0.44 1.33
CA ILE B 156 24.08 0.76 1.13
C ILE B 156 23.77 0.99 -0.34
N LEU B 157 24.75 0.80 -1.21
CA LEU B 157 24.51 0.97 -2.63
C LEU B 157 23.50 -0.05 -3.17
N CYS B 158 23.67 -1.32 -2.81
CA CYS B 158 22.76 -2.35 -3.29
C CYS B 158 21.33 -2.13 -2.80
N CYS B 159 21.16 -1.77 -1.54
CA CYS B 159 19.82 -1.54 -1.01
C CYS B 159 19.13 -0.38 -1.71
N ALA B 160 19.87 0.69 -1.97
CA ALA B 160 19.31 1.83 -2.71
C ALA B 160 18.96 1.43 -4.14
N GLU B 161 19.84 0.68 -4.78
CA GLU B 161 19.56 0.21 -6.12
C GLU B 161 18.35 -0.72 -6.10
N THR B 162 18.28 -1.59 -5.11
CA THR B 162 17.15 -2.51 -4.98
C THR B 162 15.81 -1.80 -4.70
N ASN B 163 15.84 -0.80 -3.82
CA ASN B 163 14.67 0.02 -3.52
C ASN B 163 14.21 0.78 -4.75
N LYS B 164 15.16 1.25 -5.54
CA LYS B 164 14.83 1.92 -6.78
C LYS B 164 14.13 0.96 -7.72
N CYS B 165 14.61 -0.27 -7.79
CA CYS B 165 13.95 -1.27 -8.62
C CYS B 165 12.51 -1.55 -8.14
N ILE B 166 12.33 -1.69 -6.84
CA ILE B 166 11.00 -1.97 -6.30
C ILE B 166 10.08 -0.81 -6.66
N ASN B 167 10.58 0.41 -6.50
CA ASN B 167 9.83 1.58 -6.88
C ASN B 167 9.53 1.63 -8.37
N ASP B 168 10.52 1.32 -9.20
CA ASP B 168 10.34 1.40 -10.64
C ASP B 168 9.25 0.43 -11.12
N CYS B 169 9.35 -0.82 -10.70
CA CYS B 169 8.37 -1.86 -11.00
C CYS B 169 6.98 -1.79 -10.33
N LEU B 170 6.93 -1.46 -9.04
CA LEU B 170 5.68 -1.46 -8.29
C LEU B 170 5.06 -0.09 -8.08
N GLY B 171 5.73 0.92 -8.63
CA GLY B 171 5.35 2.31 -8.49
C GLY B 171 4.22 2.77 -9.40
N PRO B 172 3.81 4.02 -9.20
CA PRO B 172 2.74 4.67 -10.00
C PRO B 172 3.15 4.98 -11.43
N GLU B 173 4.44 4.91 -11.72
CA GLU B 173 4.94 5.15 -13.07
C GLU B 173 5.88 4.03 -13.45
N PRO B 174 5.32 2.88 -13.79
CA PRO B 174 6.12 1.66 -13.92
C PRO B 174 7.18 1.77 -15.00
N ASN B 175 8.40 1.40 -14.63
CA ASN B 175 9.46 1.21 -15.58
C ASN B 175 10.16 -0.11 -15.32
N TYR B 176 10.02 -1.05 -16.25
CA TYR B 176 10.52 -2.41 -16.04
C TYR B 176 11.92 -2.66 -16.61
N THR B 177 12.53 -1.61 -17.15
CA THR B 177 13.84 -1.75 -17.75
C THR B 177 14.93 -1.48 -16.70
N PRO B 178 15.80 -2.46 -16.50
CA PRO B 178 16.91 -2.27 -15.55
C PRO B 178 17.85 -1.19 -16.04
N PRO B 179 18.38 -0.40 -15.12
CA PRO B 179 19.36 0.62 -15.48
C PRO B 179 20.60 -0.08 -15.98
N PRO B 180 21.35 0.59 -16.85
CA PRO B 180 22.57 0.00 -17.39
C PRO B 180 23.53 -0.29 -16.26
N GLY B 181 24.21 -1.42 -16.32
CA GLY B 181 25.16 -1.77 -15.29
C GLY B 181 24.57 -2.23 -13.98
N SER B 182 23.30 -2.62 -13.98
CA SER B 182 22.68 -3.13 -12.76
C SER B 182 23.36 -4.44 -12.33
N ARG B 183 23.48 -4.63 -11.02
CA ARG B 183 24.04 -5.88 -10.50
C ARG B 183 23.05 -7.02 -10.73
N GLY B 184 23.57 -8.24 -10.80
CA GLY B 184 22.77 -9.36 -11.26
C GLY B 184 21.55 -9.57 -10.39
N THR B 185 21.74 -9.50 -9.08
CA THR B 185 20.63 -9.65 -8.15
C THR B 185 19.58 -8.54 -8.27
N VAL B 186 20.01 -7.31 -8.57
CA VAL B 186 19.10 -6.24 -8.99
C VAL B 186 18.48 -6.36 -10.38
N GLU B 187 19.29 -6.72 -11.37
CA GLU B 187 18.82 -6.79 -12.75
C GLU B 187 17.71 -7.82 -12.92
N MET B 188 17.90 -8.98 -12.29
CA MET B 188 16.94 -10.08 -12.33
C MET B 188 15.58 -9.71 -11.72
N LEU B 189 15.60 -8.82 -10.74
CA LEU B 189 14.39 -8.42 -10.02
C LEU B 189 13.35 -7.72 -10.88
N TYR B 190 13.79 -6.93 -11.85
CA TYR B 190 12.86 -6.11 -12.61
C TYR B 190 11.82 -6.98 -13.35
N PRO B 191 12.26 -8.02 -14.05
CA PRO B 191 11.31 -8.89 -14.75
C PRO B 191 10.38 -9.63 -13.79
N ILE B 192 10.90 -10.06 -12.65
CA ILE B 192 10.09 -10.77 -11.67
C ILE B 192 9.00 -9.89 -11.08
N LEU B 193 9.38 -8.67 -10.71
CA LEU B 193 8.42 -7.72 -10.17
C LEU B 193 7.34 -7.38 -11.21
N ARG B 194 7.74 -7.24 -12.48
CA ARG B 194 6.78 -6.97 -13.54
C ARG B 194 5.80 -8.13 -13.72
N ASP B 195 6.31 -9.36 -13.71
CA ASP B 195 5.45 -10.52 -13.83
C ASP B 195 4.47 -10.69 -12.66
N LEU B 196 4.94 -10.50 -11.44
CA LEU B 196 4.04 -10.54 -10.28
C LEU B 196 2.98 -9.44 -10.32
N ARG B 197 3.37 -8.24 -10.73
CA ARG B 197 2.46 -7.11 -10.81
C ARG B 197 1.33 -7.39 -11.79
N ALA B 198 1.66 -8.14 -12.84
CA ALA B 198 0.70 -8.52 -13.88
C ALA B 198 -0.45 -9.34 -13.30
N GLY B 199 -0.14 -10.17 -12.32
CA GLY B 199 -1.11 -11.04 -11.68
C GLY B 199 -1.73 -10.46 -10.42
N LEU B 200 -1.46 -9.19 -10.15
CA LEU B 200 -1.87 -8.53 -8.91
C LEU B 200 -2.69 -7.27 -9.16
N SER B 201 -3.71 -7.06 -8.34
CA SER B 201 -4.40 -5.78 -8.31
C SER B 201 -3.51 -4.73 -7.64
N PRO B 202 -3.83 -3.47 -7.87
CA PRO B 202 -3.04 -2.37 -7.32
C PRO B 202 -3.04 -2.40 -5.80
N VAL B 203 -4.12 -2.89 -5.19
CA VAL B 203 -4.17 -2.99 -3.74
C VAL B 203 -3.08 -3.94 -3.23
N SER B 204 -2.96 -5.09 -3.88
CA SER B 204 -1.95 -6.07 -3.49
C SER B 204 -0.53 -5.62 -3.87
N THR B 205 -0.39 -4.92 -4.99
CA THR B 205 0.93 -4.44 -5.38
C THR B 205 1.43 -3.35 -4.42
N MET B 206 0.54 -2.47 -3.99
CA MET B 206 0.85 -1.49 -2.95
C MET B 206 1.40 -2.16 -1.69
N ARG B 207 0.73 -3.22 -1.25
CA ARG B 207 1.19 -3.98 -0.10
C ARG B 207 2.55 -4.65 -0.36
N LEU B 208 2.72 -5.22 -1.54
CA LEU B 208 3.98 -5.87 -1.89
C LEU B 208 5.13 -4.88 -1.91
N LYS B 209 4.89 -3.71 -2.47
CA LYS B 209 5.92 -2.70 -2.60
C LYS B 209 6.44 -2.28 -1.23
N GLN B 210 5.51 -2.00 -0.32
CA GLN B 210 5.85 -1.61 1.03
C GLN B 210 6.60 -2.71 1.76
N GLU B 211 6.12 -3.95 1.61
CA GLU B 211 6.74 -5.11 2.22
C GLU B 211 8.15 -5.37 1.69
N LEU B 212 8.32 -5.21 0.39
CA LEU B 212 9.63 -5.37 -0.21
C LEU B 212 10.59 -4.30 0.31
N HIS B 213 10.09 -3.08 0.44
CA HIS B 213 10.87 -1.98 0.99
C HIS B 213 11.24 -2.27 2.41
N ASP B 214 10.27 -2.78 3.17
CA ASP B 214 10.52 -3.06 4.57
C ASP B 214 11.63 -4.09 4.69
N TYR B 215 11.55 -5.13 3.88
CA TYR B 215 12.60 -6.15 3.93
C TYR B 215 13.97 -5.60 3.56
N VAL B 216 14.06 -4.87 2.45
CA VAL B 216 15.36 -4.37 2.01
C VAL B 216 15.97 -3.40 3.00
N ASN B 217 15.14 -2.50 3.52
CA ASN B 217 15.53 -1.54 4.53
C ASN B 217 15.94 -2.20 5.86
N GLY B 218 15.27 -3.30 6.19
CA GLY B 218 15.60 -4.06 7.37
C GLY B 218 17.02 -4.62 7.28
N VAL B 219 17.36 -5.14 6.10
CA VAL B 219 18.69 -5.63 5.83
C VAL B 219 19.71 -4.50 5.90
N LYS B 220 19.39 -3.37 5.28
CA LYS B 220 20.26 -2.20 5.31
C LYS B 220 20.50 -1.70 6.74
N ASN B 221 19.43 -1.66 7.54
CA ASN B 221 19.54 -1.24 8.93
C ASN B 221 20.03 -2.35 9.84
N GLN B 222 21.30 -2.70 9.71
CA GLN B 222 21.90 -3.75 10.51
C GLN B 222 23.42 -3.67 10.43
N HIS B 230 27.81 -6.34 23.49
CA HIS B 230 27.85 -7.78 23.36
C HIS B 230 26.67 -8.34 22.61
N LEU B 231 26.31 -9.58 22.93
CA LEU B 231 25.24 -10.26 22.23
C LEU B 231 23.88 -9.60 22.45
N PRO B 232 23.05 -9.57 21.41
CA PRO B 232 21.73 -8.94 21.49
C PRO B 232 20.81 -9.69 22.42
N ASN B 233 19.93 -8.96 23.09
CA ASN B 233 18.89 -9.56 23.90
C ASN B 233 18.01 -10.39 22.97
N PRO B 234 17.53 -11.53 23.45
CA PRO B 234 16.75 -12.43 22.60
C PRO B 234 15.46 -11.82 22.06
N TRP B 235 14.72 -11.15 22.93
CA TRP B 235 13.50 -10.49 22.54
C TRP B 235 13.73 -9.37 21.56
N ASP B 236 14.81 -8.63 21.74
CA ASP B 236 15.17 -7.57 20.82
C ASP B 236 15.45 -8.22 19.48
N HIS B 237 16.13 -9.36 19.51
CA HIS B 237 16.43 -10.10 18.30
C HIS B 237 15.18 -10.62 17.63
N PHE B 238 14.28 -11.21 18.41
CA PHE B 238 13.04 -11.74 17.87
C PHE B 238 12.13 -10.68 17.25
N GLN B 239 11.98 -9.55 17.93
CA GLN B 239 11.18 -8.46 17.38
C GLN B 239 11.78 -7.92 16.10
N MET B 240 13.10 -7.79 16.06
CA MET B 240 13.75 -7.26 14.87
C MET B 240 13.45 -8.21 13.71
N ARG B 241 13.53 -9.50 14.00
CA ARG B 241 13.20 -10.52 13.00
C ARG B 241 11.74 -10.43 12.57
N VAL B 242 10.85 -10.18 13.53
CA VAL B 242 9.43 -10.06 13.21
C VAL B 242 9.19 -8.89 12.26
N ASP B 243 9.76 -7.74 12.58
CA ASP B 243 9.72 -6.58 11.69
C ASP B 243 10.47 -6.79 10.37
N ASP B 244 11.65 -7.39 10.45
CA ASP B 244 12.55 -7.47 9.30
C ASP B 244 12.49 -8.73 8.44
N VAL B 245 11.87 -9.79 8.93
CA VAL B 245 11.93 -11.04 8.19
C VAL B 245 11.21 -10.90 6.85
N GLY B 246 11.65 -11.70 5.89
CA GLY B 246 11.24 -11.57 4.50
C GLY B 246 9.98 -12.34 4.14
N VAL B 247 9.31 -12.86 5.15
CA VAL B 247 8.11 -13.69 5.00
C VAL B 247 6.85 -13.03 4.41
N ILE B 248 6.62 -11.76 4.72
CA ILE B 248 5.36 -11.10 4.38
C ILE B 248 5.07 -11.00 2.88
N PRO B 249 6.10 -10.73 2.09
CA PRO B 249 5.90 -10.60 0.65
C PRO B 249 5.38 -11.93 0.12
N SER B 250 5.82 -13.03 0.72
CA SER B 250 5.34 -14.36 0.37
C SER B 250 3.85 -14.51 0.67
N ILE B 251 3.39 -13.92 1.77
CA ILE B 251 1.97 -13.95 2.07
C ILE B 251 1.16 -13.22 0.99
N THR B 252 1.64 -12.04 0.61
CA THR B 252 1.02 -11.23 -0.42
C THR B 252 1.01 -11.95 -1.76
N GLN B 253 2.07 -12.72 -1.99
CA GLN B 253 2.23 -13.49 -3.22
C GLN B 253 1.18 -14.60 -3.37
N ASN B 254 0.53 -14.96 -2.27
CA ASN B 254 -0.60 -15.89 -2.36
C ASN B 254 -1.70 -15.29 -3.20
N GLU B 255 -1.83 -13.97 -3.13
CA GLU B 255 -2.80 -13.24 -3.93
C GLU B 255 -2.49 -13.38 -5.42
N TYR B 256 -1.21 -13.31 -5.77
CA TYR B 256 -0.79 -13.63 -7.13
C TYR B 256 -1.02 -15.09 -7.46
N ALA B 257 -0.65 -15.97 -6.53
CA ALA B 257 -0.71 -17.40 -6.74
C ALA B 257 -2.15 -17.87 -6.97
N MET B 258 -3.07 -17.36 -6.17
CA MET B 258 -4.48 -17.76 -6.24
C MET B 258 -5.37 -16.76 -6.98
N ASP B 259 -4.76 -15.77 -7.62
CA ASP B 259 -5.50 -14.83 -8.44
C ASP B 259 -6.68 -14.17 -7.71
N PHE B 260 -6.43 -13.62 -6.54
CA PHE B 260 -7.46 -12.93 -5.77
C PHE B 260 -6.92 -11.72 -5.03
N THR B 261 -7.80 -10.81 -4.67
CA THR B 261 -7.44 -9.67 -3.86
C THR B 261 -8.24 -9.62 -2.56
N LEU B 262 -7.52 -9.56 -1.45
CA LEU B 262 -8.15 -9.40 -0.15
C LEU B 262 -8.32 -7.91 0.12
N PRO B 263 -9.53 -7.51 0.49
CA PRO B 263 -9.80 -6.09 0.71
C PRO B 263 -8.93 -5.56 1.85
N ASP B 264 -8.51 -4.31 1.74
CA ASP B 264 -7.65 -3.72 2.75
C ASP B 264 -8.38 -3.69 4.08
N TRP B 265 -9.69 -3.48 4.04
CA TRP B 265 -10.48 -3.42 5.25
C TRP B 265 -10.47 -4.71 6.03
N ILE B 266 -10.50 -5.84 5.34
CA ILE B 266 -10.22 -7.12 5.95
C ILE B 266 -8.75 -7.29 6.41
N ARG B 267 -7.81 -6.88 5.57
CA ARG B 267 -6.39 -6.92 5.90
C ARG B 267 -6.04 -6.08 7.15
N ARG B 268 -6.73 -4.96 7.34
CA ARG B 268 -6.50 -4.09 8.49
C ARG B 268 -7.22 -4.50 9.78
N HIS B 269 -8.12 -5.47 9.66
CA HIS B 269 -8.90 -5.95 10.79
C HIS B 269 -8.00 -6.56 11.80
N GLU B 270 -8.33 -6.41 13.08
CA GLU B 270 -7.41 -6.87 14.10
C GLU B 270 -7.18 -8.37 14.00
N ALA B 271 -8.22 -9.13 13.69
CA ALA B 271 -8.06 -10.58 13.58
C ALA B 271 -7.12 -10.98 12.45
N MET B 272 -7.28 -10.37 11.28
CA MET B 272 -6.38 -10.65 10.17
C MET B 272 -4.94 -10.23 10.48
N GLU B 273 -4.77 -9.05 11.05
CA GLU B 273 -3.44 -8.55 11.34
C GLU B 273 -2.78 -9.52 12.32
N GLU B 274 -3.54 -10.00 13.30
CA GLU B 274 -3.00 -10.95 14.25
C GLU B 274 -2.58 -12.27 13.59
N ILE B 275 -3.41 -12.81 12.71
CA ILE B 275 -3.05 -14.06 12.06
C ILE B 275 -1.77 -13.92 11.23
N VAL B 276 -1.66 -12.81 10.52
CA VAL B 276 -0.45 -12.55 9.75
C VAL B 276 0.75 -12.45 10.69
N LEU B 277 0.59 -11.73 11.79
CA LEU B 277 1.65 -11.63 12.78
C LEU B 277 2.00 -12.96 13.45
N GLN B 278 1.00 -13.74 13.86
CA GLN B 278 1.25 -15.01 14.51
C GLN B 278 1.98 -15.94 13.55
N CYS B 279 1.54 -15.97 12.30
CA CYS B 279 2.18 -16.78 11.28
C CYS B 279 3.62 -16.34 10.99
N THR B 280 3.85 -15.04 11.00
CA THR B 280 5.19 -14.52 10.85
C THR B 280 6.08 -14.99 11.99
N LYS B 281 5.57 -14.88 13.22
CA LYS B 281 6.30 -15.28 14.41
C LYS B 281 6.58 -16.79 14.41
N LEU B 282 5.59 -17.57 14.02
CA LEU B 282 5.73 -19.03 14.00
C LEU B 282 6.80 -19.45 13.01
N THR B 283 6.80 -18.82 11.84
CA THR B 283 7.80 -19.11 10.82
C THR B 283 9.19 -18.74 11.34
N ILE B 284 9.29 -17.60 12.02
CA ILE B 284 10.58 -17.20 12.56
C ILE B 284 11.09 -18.18 13.60
N LEU B 285 10.25 -18.56 14.55
CA LEU B 285 10.67 -19.43 15.64
C LEU B 285 11.12 -20.82 15.18
N LEU B 286 10.34 -21.45 14.30
CA LEU B 286 10.71 -22.75 13.76
C LEU B 286 12.00 -22.66 12.95
N ASN B 287 12.19 -21.53 12.27
CA ASN B 287 13.43 -21.27 11.56
C ASN B 287 14.61 -21.20 12.52
N GLU B 288 14.39 -20.65 13.71
CA GLU B 288 15.47 -20.49 14.66
C GLU B 288 16.05 -21.84 15.05
N ILE B 289 15.20 -22.81 15.38
CA ILE B 289 15.66 -24.16 15.65
C ILE B 289 16.25 -24.85 14.42
N LEU B 290 15.53 -24.76 13.31
CA LEU B 290 15.90 -25.46 12.09
C LEU B 290 17.24 -25.02 11.52
N SER B 291 17.52 -23.73 11.64
CA SER B 291 18.73 -23.13 11.11
C SER B 291 19.91 -23.10 12.09
N LEU B 292 19.72 -23.65 13.28
CA LEU B 292 20.72 -23.51 14.32
C LEU B 292 22.06 -24.16 13.95
N GLN B 293 22.01 -25.37 13.40
CA GLN B 293 23.24 -26.07 13.04
C GLN B 293 24.00 -25.30 11.96
N LYS B 294 23.30 -24.87 10.92
CA LYS B 294 23.95 -24.10 9.87
C LYS B 294 24.51 -22.75 10.34
N GLU B 295 23.72 -21.99 11.08
CA GLU B 295 24.18 -20.71 11.59
C GLU B 295 25.35 -20.84 12.57
N PHE B 296 25.26 -21.81 13.46
CA PHE B 296 26.32 -22.03 14.45
C PHE B 296 27.64 -22.40 13.80
N ARG B 297 27.58 -23.16 12.71
CA ARG B 297 28.76 -23.63 12.02
C ARG B 297 29.61 -22.49 11.46
N VAL B 298 28.95 -21.43 11.03
CA VAL B 298 29.63 -20.26 10.49
C VAL B 298 29.77 -19.20 11.57
N SER B 299 29.53 -19.60 12.81
CA SER B 299 29.64 -18.69 13.94
C SER B 299 28.73 -17.48 13.82
N GLN B 300 27.51 -17.69 13.33
CA GLN B 300 26.50 -16.67 13.40
C GLN B 300 25.73 -16.97 14.68
N LEU B 301 26.10 -16.27 15.75
CA LEU B 301 25.59 -16.56 17.08
C LEU B 301 24.30 -15.83 17.40
N GLU B 302 23.90 -14.93 16.51
CA GLU B 302 22.67 -14.19 16.74
C GLU B 302 21.53 -15.05 16.25
N ASN B 303 21.32 -16.13 16.98
CA ASN B 303 20.27 -17.09 16.74
C ASN B 303 19.49 -17.15 18.03
N LEU B 304 18.18 -17.27 17.94
CA LEU B 304 17.34 -17.08 19.11
C LEU B 304 17.72 -18.06 20.20
N CYS B 305 18.02 -19.29 19.81
CA CYS B 305 18.38 -20.31 20.80
C CYS B 305 19.65 -19.95 21.58
N LEU B 306 20.66 -19.46 20.87
CA LEU B 306 21.92 -19.03 21.49
C LEU B 306 21.76 -17.83 22.42
N LEU B 307 20.96 -16.86 22.00
CA LEU B 307 20.69 -15.66 22.77
C LEU B 307 20.02 -16.00 24.10
N PHE B 308 19.11 -16.97 24.05
CA PHE B 308 18.46 -17.47 25.23
C PHE B 308 19.50 -18.10 26.16
N MET B 309 20.43 -18.85 25.59
CA MET B 309 21.47 -19.46 26.40
C MET B 309 22.30 -18.37 27.06
N ASN B 310 22.77 -17.42 26.25
CA ASN B 310 23.61 -16.37 26.80
C ASN B 310 22.92 -15.46 27.82
N THR B 311 21.79 -14.89 27.44
CA THR B 311 21.06 -14.01 28.35
C THR B 311 20.53 -14.72 29.60
N TYR B 312 19.93 -15.89 29.42
CA TYR B 312 19.34 -16.60 30.56
C TYR B 312 20.17 -17.75 31.14
N ASP B 313 21.34 -17.99 30.56
CA ASP B 313 22.22 -19.04 31.05
C ASP B 313 21.58 -20.44 31.04
N MET B 314 20.80 -20.74 30.02
CA MET B 314 20.22 -22.07 29.91
C MET B 314 21.01 -22.94 28.95
N SER B 315 20.83 -24.25 29.06
CA SER B 315 21.46 -25.20 28.18
C SER B 315 20.83 -25.09 26.80
N ILE B 316 21.52 -25.60 25.78
CA ILE B 316 21.02 -25.54 24.43
C ILE B 316 19.71 -26.31 24.36
N GLU B 317 19.63 -27.41 25.10
CA GLU B 317 18.42 -28.22 25.17
C GLU B 317 17.25 -27.43 25.78
N GLN B 318 17.52 -26.70 26.85
CA GLN B 318 16.50 -25.88 27.47
C GLN B 318 16.06 -24.77 26.52
N SER B 319 17.02 -24.20 25.81
CA SER B 319 16.72 -23.11 24.91
C SER B 319 15.78 -23.58 23.79
N ILE B 320 16.08 -24.73 23.20
CA ILE B 320 15.24 -25.27 22.14
C ILE B 320 13.86 -25.59 22.67
N HIS B 321 13.80 -26.07 23.91
CA HIS B 321 12.53 -26.35 24.53
C HIS B 321 11.74 -25.08 24.66
N LYS B 322 12.42 -24.00 25.01
CA LYS B 322 11.77 -22.72 25.15
C LYS B 322 11.18 -22.22 23.84
N VAL B 323 11.92 -22.34 22.75
CA VAL B 323 11.44 -21.94 21.44
C VAL B 323 10.23 -22.77 21.00
N LEU B 324 10.28 -24.07 21.25
CA LEU B 324 9.20 -24.95 20.86
C LEU B 324 7.92 -24.56 21.59
N GLY B 325 8.04 -24.21 22.86
CA GLY B 325 6.91 -23.75 23.65
C GLY B 325 6.34 -22.45 23.12
N LEU B 326 7.21 -21.53 22.72
CA LEU B 326 6.78 -20.26 22.17
C LEU B 326 5.97 -20.54 20.91
N LEU B 327 6.41 -21.52 20.14
CA LEU B 327 5.74 -21.90 18.92
C LEU B 327 4.34 -22.40 19.20
N LYS B 328 4.21 -23.25 20.22
CA LYS B 328 2.93 -23.79 20.60
C LYS B 328 1.97 -22.68 21.04
N ASP B 329 2.46 -21.75 21.84
CA ASP B 329 1.61 -20.66 22.29
C ASP B 329 1.10 -19.84 21.10
N HIS B 330 2.02 -19.46 20.22
CA HIS B 330 1.67 -18.61 19.10
C HIS B 330 0.71 -19.24 18.15
N TYR B 331 0.83 -20.55 17.97
CA TYR B 331 -0.10 -21.29 17.13
C TYR B 331 -1.51 -21.24 17.70
N LYS B 332 -1.60 -21.36 19.03
CA LYS B 332 -2.88 -21.35 19.71
C LYS B 332 -3.58 -20.01 19.53
N ILE B 333 -2.82 -18.92 19.63
CA ILE B 333 -3.36 -17.58 19.45
C ILE B 333 -3.89 -17.41 18.04
N CYS B 334 -3.12 -17.90 17.07
CA CYS B 334 -3.49 -17.75 15.69
C CYS B 334 -4.83 -18.46 15.42
N ILE B 335 -4.97 -19.67 15.92
CA ILE B 335 -6.18 -20.44 15.72
C ILE B 335 -7.39 -19.74 16.35
N GLU B 336 -7.19 -19.17 17.52
CA GLU B 336 -8.21 -18.40 18.21
C GLU B 336 -8.66 -17.15 17.46
N ALA B 337 -7.78 -16.58 16.65
CA ALA B 337 -8.06 -15.40 15.85
C ALA B 337 -9.18 -15.59 14.81
N GLU B 338 -9.29 -16.79 14.28
CA GLU B 338 -10.13 -17.07 13.12
C GLU B 338 -11.59 -16.73 13.39
N ALA B 339 -12.03 -17.01 14.61
CA ALA B 339 -13.38 -16.75 15.05
C ALA B 339 -13.70 -15.26 14.97
N ARG B 340 -12.69 -14.44 15.28
CA ARG B 340 -12.82 -12.99 15.27
C ARG B 340 -12.85 -12.32 13.89
N LEU B 341 -12.53 -13.06 12.84
CA LEU B 341 -12.47 -12.50 11.50
C LEU B 341 -13.84 -12.04 11.02
N PRO B 342 -13.86 -11.02 10.17
CA PRO B 342 -15.14 -10.49 9.69
C PRO B 342 -15.69 -11.31 8.52
N TRP B 343 -16.09 -12.53 8.80
CA TRP B 343 -16.70 -13.38 7.79
C TRP B 343 -18.03 -12.84 7.33
N SER B 344 -18.26 -12.92 6.02
CA SER B 344 -19.55 -12.53 5.47
C SER B 344 -20.64 -13.54 5.83
N THR B 345 -21.81 -13.02 6.18
CA THR B 345 -23.02 -13.82 6.27
C THR B 345 -23.46 -14.37 4.91
N THR B 346 -23.23 -13.59 3.85
CA THR B 346 -23.75 -13.90 2.52
C THR B 346 -22.78 -14.14 1.37
N ASP B 347 -21.57 -13.59 1.46
CA ASP B 347 -20.70 -13.55 0.30
C ASP B 347 -19.71 -14.69 0.25
N GLU B 348 -20.03 -15.68 -0.58
CA GLU B 348 -19.18 -16.84 -0.74
C GLU B 348 -17.81 -16.47 -1.29
N LYS B 349 -17.76 -15.61 -2.29
CA LYS B 349 -16.48 -15.22 -2.86
C LYS B 349 -15.61 -14.49 -1.84
N LEU B 350 -16.21 -13.59 -1.08
CA LEU B 350 -15.46 -12.89 -0.04
C LEU B 350 -14.94 -13.85 1.03
N ASN B 351 -15.79 -14.77 1.47
CA ASN B 351 -15.37 -15.74 2.47
C ASN B 351 -14.26 -16.65 1.94
N ASN B 352 -14.33 -17.01 0.67
CA ASN B 352 -13.29 -17.78 0.04
C ASN B 352 -11.96 -17.04 -0.02
N ASN B 353 -12.01 -15.74 -0.28
CA ASN B 353 -10.83 -14.90 -0.26
C ASN B 353 -10.22 -14.85 1.13
N ILE B 354 -11.06 -14.71 2.15
CA ILE B 354 -10.56 -14.70 3.52
C ILE B 354 -9.93 -16.04 3.86
N ARG B 355 -10.60 -17.13 3.49
CA ARG B 355 -10.08 -18.45 3.79
C ARG B 355 -8.73 -18.67 3.09
N GLU B 356 -8.65 -18.33 1.81
CA GLU B 356 -7.40 -18.50 1.07
C GLU B 356 -6.27 -17.67 1.67
N TYR B 357 -6.57 -16.42 2.04
CA TYR B 357 -5.56 -15.53 2.58
C TYR B 357 -4.96 -16.06 3.88
N ILE B 358 -5.80 -16.57 4.79
CA ILE B 358 -5.28 -17.20 6.00
C ILE B 358 -4.49 -18.50 5.75
N ARG B 359 -4.93 -19.30 4.79
CA ARG B 359 -4.21 -20.52 4.47
C ARG B 359 -2.80 -20.14 3.99
N GLY B 360 -2.73 -19.02 3.28
CA GLY B 360 -1.46 -18.52 2.81
C GLY B 360 -0.53 -18.19 3.96
N CYS B 361 -1.05 -17.53 4.98
CA CYS B 361 -0.26 -17.26 6.16
C CYS B 361 0.18 -18.55 6.89
N GLN B 362 -0.74 -19.48 7.07
CA GLN B 362 -0.44 -20.74 7.73
C GLN B 362 0.59 -21.57 6.95
N ARG B 363 0.46 -21.57 5.63
CA ARG B 363 1.35 -22.31 4.75
C ARG B 363 2.79 -21.79 4.86
N LEU B 364 2.91 -20.50 5.17
CA LEU B 364 4.21 -19.92 5.38
C LEU B 364 4.86 -20.61 6.57
N ALA B 365 4.12 -20.78 7.65
CA ALA B 365 4.67 -21.49 8.81
C ALA B 365 4.92 -22.97 8.55
N THR B 366 3.88 -23.69 8.12
CA THR B 366 4.01 -25.10 7.81
C THR B 366 4.94 -25.35 6.62
N GLY B 367 4.80 -24.53 5.59
CA GLY B 367 5.55 -24.69 4.36
C GLY B 367 7.04 -24.52 4.55
N THR B 368 7.41 -23.53 5.35
CA THR B 368 8.81 -23.30 5.66
C THR B 368 9.39 -24.49 6.43
N ALA B 369 8.63 -25.00 7.39
CA ALA B 369 9.04 -26.21 8.09
C ALA B 369 9.13 -27.42 7.16
N CYS B 370 8.09 -27.65 6.38
CA CYS B 370 8.03 -28.80 5.49
C CYS B 370 9.15 -28.77 4.44
N TRP B 371 9.43 -27.60 3.88
CA TRP B 371 10.49 -27.44 2.91
C TRP B 371 11.84 -27.75 3.52
N SER B 372 12.01 -27.34 4.76
CA SER B 372 13.25 -27.53 5.50
C SER B 372 13.56 -29.02 5.69
N TYR B 373 12.50 -29.82 5.85
CA TYR B 373 12.61 -31.26 6.04
C TYR B 373 12.72 -31.98 4.69
N ASN B 374 12.67 -31.21 3.61
CA ASN B 374 12.72 -31.76 2.26
C ASN B 374 13.82 -31.21 1.35
N CYS B 375 14.84 -30.62 1.94
CA CYS B 375 15.97 -30.05 1.22
C CYS B 375 17.18 -30.01 2.14
N GLU B 376 18.33 -29.62 1.60
CA GLU B 376 19.56 -29.65 2.40
C GLU B 376 20.20 -28.29 2.73
N ARG B 377 19.39 -27.23 2.71
CA ARG B 377 19.88 -25.92 3.06
C ARG B 377 20.37 -25.87 4.52
N TYR B 378 19.61 -26.48 5.41
CA TYR B 378 19.89 -26.39 6.84
C TYR B 378 20.66 -27.56 7.45
N PHE B 379 20.42 -28.75 6.96
CA PHE B 379 21.06 -29.96 7.48
C PHE B 379 21.00 -31.05 6.42
N LYS B 380 21.79 -32.10 6.62
CA LYS B 380 21.71 -33.28 5.77
C LYS B 380 20.42 -34.01 6.10
N LEU B 381 19.70 -34.45 5.07
CA LEU B 381 18.46 -35.14 5.28
C LEU B 381 18.63 -36.49 5.99
N SER B 382 19.86 -36.99 6.00
CA SER B 382 20.22 -38.18 6.76
C SER B 382 20.02 -37.94 8.25
N GLN B 383 20.02 -36.67 8.62
CA GLN B 383 19.92 -36.24 10.01
C GLN B 383 18.52 -36.46 10.58
N LEU B 384 17.58 -36.80 9.71
CA LEU B 384 16.21 -37.02 10.11
C LEU B 384 15.96 -38.50 10.27
N ASN B 385 15.36 -38.89 11.39
CA ASN B 385 14.87 -40.25 11.52
C ASN B 385 13.49 -40.43 10.91
N ASP B 386 12.96 -41.63 11.04
CA ASP B 386 11.71 -42.03 10.41
C ASP B 386 10.55 -41.17 10.91
N GLN B 387 10.65 -40.75 12.16
CA GLN B 387 9.68 -39.87 12.80
C GLN B 387 9.67 -38.45 12.24
N GLN B 388 10.76 -38.07 11.59
CA GLN B 388 10.98 -36.68 11.20
C GLN B 388 11.60 -35.90 12.34
N GLU B 389 12.08 -36.62 13.34
CA GLU B 389 12.89 -36.02 14.38
C GLU B 389 14.20 -35.61 13.72
N LEU B 390 14.73 -34.47 14.13
CA LEU B 390 15.98 -33.99 13.58
C LEU B 390 17.04 -33.97 14.66
N LEU B 391 18.20 -34.54 14.36
CA LEU B 391 19.32 -34.48 15.28
C LEU B 391 20.27 -33.40 14.82
N LEU B 392 20.18 -32.23 15.44
CA LEU B 392 21.12 -31.18 15.15
C LEU B 392 22.49 -31.66 15.61
N ASP B 393 23.53 -31.34 14.85
CA ASP B 393 24.88 -31.61 15.30
C ASP B 393 25.63 -30.30 15.30
N LEU B 394 26.06 -29.87 16.47
CA LEU B 394 26.71 -28.58 16.59
C LEU B 394 28.22 -28.66 16.36
N SER B 395 28.66 -29.70 15.67
CA SER B 395 30.07 -29.84 15.33
C SER B 395 30.48 -28.81 14.29
N ARG B 396 31.74 -28.40 14.33
CA ARG B 396 32.28 -27.48 13.35
C ARG B 396 33.72 -27.84 12.99
#